data_2W19
#
_entry.id   2W19
#
_cell.length_a   204.018
_cell.length_b   204.018
_cell.length_c   66.513
_cell.angle_alpha   90.00
_cell.angle_beta   90.00
_cell.angle_gamma   120.00
#
_symmetry.space_group_name_H-M   'P 32 2 1'
#
loop_
_entity.id
_entity.type
_entity.pdbx_description
1 polymer '3-DEOXY-D-ARABINO-HEPTULOSONATE 7-PHOSPHATE SYNTHASE AROG'
2 polymer 'CHORISMATE MUTASE'
3 non-polymer GLYCEROL
4 non-polymer 'SULFATE ION'
5 water water
#
loop_
_entity_poly.entity_id
_entity_poly.type
_entity_poly.pdbx_seq_one_letter_code
_entity_poly.pdbx_strand_id
1 'polypeptide(L)'
;MHHHHHHSSGMNWTVDIPIDQLPSLPPLPTDLRTRLDAALAKPAAQQPTWPADQALAMRTVLESVPPVTVPSEIVRLQEQ
LAQVAKGEAFLLQGGDCAETFMDNTEPHIRGNVRALLQMAVVLTYGASMPVVKVARIAGQYAKPRSADIDALGLRSYRGD
MINGFAPDAAAREHDPSRLVRAYANASAAMNLVRALTSSGLASLHLVHDWNREFVRTSPAGARYEALATEIDRGLRFMSA
CGVADRNLQTAEIYASHEALVLDYERAMLRLSDGDDGEPQLFDLSAHTVWIGERTRQIDGAHIAFAQVIANPVGVKLGPN
MTPELAVEYVERLDPHNKPGRLTLVSRMGNHKVRDLLPPIVEKVQATGHQVIWQCDPMHGNTHESSTGFKTRHFDRIVDE
VQGFFEVHRALGTHPGGIHVEITGENVTECLGGAQDISETDLAGRYETACDPRLNTQQSLELAFLVAEMLRD
;
A,B
2 'polypeptide(L)'
;MNLEMLESQPVPEIDTLREEIDRLDAEILALVKRRAEVSKAIGKARMASGGTRLVHSREMKVIERYSELGPDGKDLAILL
LRLGRGRLGH
;
C,D
#
# COMPACT_ATOMS: atom_id res chain seq x y z
N TRP A 13 -6.00 -1.71 32.21
CA TRP A 13 -5.77 -3.09 31.67
C TRP A 13 -4.92 -3.03 30.40
N THR A 14 -3.91 -3.90 30.32
CA THR A 14 -3.15 -4.13 29.11
C THR A 14 -3.26 -5.61 28.76
N VAL A 15 -2.89 -5.92 27.51
CA VAL A 15 -2.72 -7.30 27.05
C VAL A 15 -1.27 -7.47 26.63
N ASP A 16 -0.68 -8.62 26.96
CA ASP A 16 0.62 -9.01 26.47
C ASP A 16 0.43 -9.76 25.17
N ILE A 17 1.16 -9.32 24.14
CA ILE A 17 1.21 -10.01 22.86
C ILE A 17 2.59 -10.60 22.74
N PRO A 18 2.72 -11.95 22.73
CA PRO A 18 4.04 -12.54 22.50
C PRO A 18 4.64 -12.10 21.19
N ILE A 19 5.91 -11.74 21.24
CA ILE A 19 6.68 -11.43 20.05
C ILE A 19 7.12 -12.77 19.52
N ASP A 20 6.58 -13.13 18.37
CA ASP A 20 6.93 -14.37 17.72
C ASP A 20 8.44 -14.33 17.40
N GLN A 21 9.20 -15.23 18.04
CA GLN A 21 10.64 -15.34 17.80
C GLN A 21 10.82 -16.21 16.56
N LEU A 22 11.15 -15.58 15.43
CA LEU A 22 11.12 -16.25 14.14
C LEU A 22 12.50 -16.34 13.47
N PRO A 23 12.67 -17.28 12.52
CA PRO A 23 13.95 -17.53 11.84
C PRO A 23 14.55 -16.32 11.14
N SER A 24 15.87 -16.20 11.20
CA SER A 24 16.62 -15.14 10.56
C SER A 24 16.75 -15.34 9.06
N LEU A 25 16.78 -14.22 8.34
CA LEU A 25 17.14 -14.19 6.94
C LEU A 25 18.67 -14.08 6.89
N PRO A 26 19.28 -14.16 5.69
CA PRO A 26 20.73 -13.95 5.60
C PRO A 26 21.14 -12.59 6.22
N PRO A 27 22.33 -12.53 6.86
CA PRO A 27 22.78 -11.25 7.41
C PRO A 27 23.07 -10.26 6.27
N LEU A 28 23.12 -8.97 6.58
CA LEU A 28 23.64 -7.99 5.64
C LEU A 28 25.09 -8.38 5.26
N PRO A 29 25.57 -7.94 4.10
CA PRO A 29 26.94 -8.32 3.70
C PRO A 29 28.00 -7.88 4.74
N THR A 30 29.05 -8.67 4.89
CA THR A 30 30.06 -8.41 5.92
C THR A 30 30.74 -7.06 5.74
N ASP A 31 30.98 -6.67 4.49
CA ASP A 31 31.62 -5.38 4.22
C ASP A 31 30.77 -4.18 4.66
N LEU A 32 29.48 -4.19 4.33
CA LEU A 32 28.60 -3.09 4.72
C LEU A 32 28.40 -3.05 6.26
N ARG A 33 28.36 -4.21 6.88
CA ARG A 33 28.24 -4.31 8.33
C ARG A 33 29.48 -3.79 9.06
N THR A 34 30.66 -4.05 8.50
CA THR A 34 31.90 -3.50 9.03
C THR A 34 31.87 -1.97 9.03
N ARG A 35 31.39 -1.38 7.93
CA ARG A 35 31.26 0.07 7.80
C ARG A 35 30.23 0.61 8.79
N LEU A 36 29.08 -0.04 8.87
CA LEU A 36 28.03 0.33 9.80
C LEU A 36 28.50 0.28 11.25
N ASP A 37 29.15 -0.83 11.62
CA ASP A 37 29.67 -1.00 12.98
C ASP A 37 30.69 0.06 13.38
N ALA A 38 31.52 0.50 12.44
CA ALA A 38 32.47 1.59 12.66
C ALA A 38 31.74 2.92 12.90
N ALA A 39 30.71 3.16 12.10
CA ALA A 39 29.86 4.33 12.23
C ALA A 39 29.17 4.39 13.60
N LEU A 40 28.67 3.25 14.06
CA LEU A 40 27.88 3.20 15.29
C LEU A 40 28.73 3.09 16.55
N ALA A 41 30.05 3.04 16.40
CA ALA A 41 30.96 3.13 17.52
C ALA A 41 31.11 4.59 17.96
N LYS A 42 30.64 5.52 17.15
CA LYS A 42 30.65 6.93 17.53
C LYS A 42 29.58 7.19 18.58
N PRO A 43 29.80 8.17 19.45
CA PRO A 43 28.82 8.42 20.49
C PRO A 43 27.50 8.96 19.92
N ALA A 44 26.41 8.53 20.52
CA ALA A 44 25.07 8.89 20.06
C ALA A 44 24.33 9.59 21.20
N ALA A 45 23.88 10.83 20.95
CA ALA A 45 23.10 11.57 21.93
C ALA A 45 21.64 11.05 21.99
N GLN A 46 21.00 11.24 23.13
CA GLN A 46 19.52 11.09 23.26
C GLN A 46 19.00 9.68 23.04
N GLN A 47 19.81 8.67 23.35
CA GLN A 47 19.43 7.29 23.08
C GLN A 47 18.70 6.71 24.30
N PRO A 48 17.74 5.81 24.06
CA PRO A 48 17.11 5.18 25.21
C PRO A 48 18.13 4.39 26.06
N THR A 49 17.78 4.18 27.32
CA THR A 49 18.70 3.60 28.28
C THR A 49 18.37 2.16 28.61
N TRP A 50 17.59 1.51 27.76
CA TRP A 50 17.28 0.08 27.95
C TRP A 50 18.52 -0.82 27.78
N PRO A 51 18.49 -2.03 28.37
CA PRO A 51 19.64 -2.94 28.30
C PRO A 51 19.97 -3.43 26.87
N ALA A 52 21.27 -3.51 26.58
CA ALA A 52 21.74 -3.84 25.23
C ALA A 52 21.28 -5.23 24.75
N ASP A 53 21.18 -6.18 25.68
CA ASP A 53 20.74 -7.53 25.33
C ASP A 53 19.27 -7.58 24.92
N GLN A 54 18.44 -6.78 25.60
CA GLN A 54 17.01 -6.70 25.27
C GLN A 54 16.83 -5.98 23.93
N ALA A 55 17.52 -4.85 23.79
CA ALA A 55 17.62 -4.13 22.53
C ALA A 55 18.05 -5.05 21.37
N LEU A 56 19.07 -5.87 21.60
CA LEU A 56 19.55 -6.82 20.60
C LEU A 56 18.45 -7.81 20.19
N ALA A 57 17.72 -8.34 21.17
CA ALA A 57 16.61 -9.24 20.90
C ALA A 57 15.56 -8.58 20.01
N MET A 58 15.24 -7.33 20.31
CA MET A 58 14.20 -6.64 19.55
C MET A 58 14.68 -6.32 18.14
N ARG A 59 15.92 -5.88 18.01
CA ARG A 59 16.51 -5.65 16.69
C ARG A 59 16.49 -6.89 15.80
N THR A 60 16.75 -8.05 16.40
CA THR A 60 16.74 -9.31 15.69
C THR A 60 15.36 -9.65 15.13
N VAL A 61 14.30 -9.38 15.89
CA VAL A 61 12.94 -9.50 15.36
C VAL A 61 12.80 -8.59 14.14
N LEU A 62 13.17 -7.33 14.30
CA LEU A 62 12.93 -6.33 13.26
C LEU A 62 13.75 -6.55 11.99
N GLU A 63 14.89 -7.23 12.11
CA GLU A 63 15.74 -7.54 10.95
C GLU A 63 15.08 -8.45 9.93
N SER A 64 14.03 -9.16 10.32
CA SER A 64 13.39 -10.06 9.37
C SER A 64 11.92 -9.71 9.01
N VAL A 65 11.39 -8.63 9.55
CA VAL A 65 10.01 -8.21 9.22
C VAL A 65 9.96 -7.58 7.82
N PRO A 66 8.77 -7.60 7.18
CA PRO A 66 8.61 -6.87 5.93
C PRO A 66 8.91 -5.39 6.08
N PRO A 67 9.59 -4.79 5.07
CA PRO A 67 9.95 -3.40 5.23
C PRO A 67 8.72 -2.47 5.17
N VAL A 68 8.87 -1.24 5.68
CA VAL A 68 7.84 -0.22 5.59
C VAL A 68 7.80 0.39 4.18
N THR A 69 9.00 0.63 3.64
CA THR A 69 9.19 1.14 2.29
C THR A 69 10.06 0.17 1.48
N VAL A 70 10.18 0.42 0.18
CA VAL A 70 11.03 -0.39 -0.67
C VAL A 70 12.01 0.50 -1.45
N PRO A 71 13.19 -0.04 -1.81
CA PRO A 71 14.26 0.75 -2.43
C PRO A 71 13.86 1.55 -3.67
N SER A 72 13.09 0.96 -4.58
CA SER A 72 12.67 1.67 -5.81
C SER A 72 11.89 2.96 -5.51
N GLU A 73 11.18 3.01 -4.39
CA GLU A 73 10.47 4.21 -3.99
C GLU A 73 11.42 5.30 -3.51
N ILE A 74 12.50 4.89 -2.87
CA ILE A 74 13.52 5.80 -2.36
C ILE A 74 14.35 6.35 -3.54
N VAL A 75 14.70 5.48 -4.48
CA VAL A 75 15.35 5.91 -5.73
C VAL A 75 14.44 6.91 -6.46
N ARG A 76 13.16 6.60 -6.58
CA ARG A 76 12.23 7.55 -7.19
C ARG A 76 12.14 8.88 -6.43
N LEU A 77 12.06 8.85 -5.10
CA LEU A 77 12.07 10.09 -4.32
C LEU A 77 13.35 10.91 -4.60
N GLN A 78 14.49 10.24 -4.65
CA GLN A 78 15.76 10.90 -4.92
C GLN A 78 15.70 11.69 -6.23
N GLU A 79 15.15 11.06 -7.26
CA GLU A 79 15.01 11.70 -8.56
C GLU A 79 14.10 12.94 -8.48
N GLN A 80 13.05 12.85 -7.68
CA GLN A 80 12.13 13.97 -7.53
C GLN A 80 12.73 15.08 -6.65
N LEU A 81 13.56 14.70 -5.69
CA LEU A 81 14.26 15.68 -4.87
C LEU A 81 15.37 16.37 -5.65
N ALA A 82 15.99 15.66 -6.61
CA ALA A 82 16.96 16.28 -7.53
C ALA A 82 16.33 17.44 -8.29
N GLN A 83 15.06 17.29 -8.67
CA GLN A 83 14.35 18.37 -9.32
C GLN A 83 14.07 19.55 -8.39
N VAL A 84 13.74 19.29 -7.13
CA VAL A 84 13.60 20.36 -6.13
C VAL A 84 14.92 21.13 -5.98
N ALA A 85 16.01 20.40 -5.82
CA ALA A 85 17.34 20.98 -5.63
C ALA A 85 17.71 21.92 -6.79
N LYS A 86 17.31 21.55 -8.00
CA LYS A 86 17.61 22.30 -9.22
C LYS A 86 16.63 23.44 -9.49
N GLY A 87 15.67 23.66 -8.60
CA GLY A 87 14.77 24.79 -8.71
C GLY A 87 13.56 24.54 -9.57
N GLU A 88 13.27 23.27 -9.84
CA GLU A 88 12.20 22.87 -10.75
C GLU A 88 11.04 22.16 -10.06
N ALA A 89 11.08 22.10 -8.72
CA ALA A 89 9.96 21.55 -7.93
C ALA A 89 10.10 22.13 -6.53
N PHE A 90 9.11 21.89 -5.70
CA PHE A 90 9.02 22.42 -4.33
C PHE A 90 8.73 21.25 -3.39
N LEU A 91 9.34 21.25 -2.20
CA LEU A 91 9.13 20.19 -1.20
C LEU A 91 8.13 20.58 -0.09
N LEU A 92 7.05 19.82 0.05
CA LEU A 92 6.14 19.96 1.17
C LEU A 92 6.32 18.79 2.12
N GLN A 93 6.75 19.07 3.33
CA GLN A 93 6.91 18.06 4.36
C GLN A 93 6.07 18.48 5.53
N GLY A 94 5.24 17.58 6.05
CA GLY A 94 4.31 17.95 7.08
C GLY A 94 3.56 16.80 7.69
N GLY A 95 2.96 17.06 8.86
CA GLY A 95 2.21 16.06 9.58
C GLY A 95 2.36 16.28 11.06
N ASP A 96 1.98 15.27 11.83
CA ASP A 96 2.01 15.32 13.29
C ASP A 96 3.38 15.68 13.83
N CYS A 97 3.41 16.61 14.76
CA CYS A 97 4.62 16.87 15.55
C CYS A 97 5.16 15.56 16.17
N ALA A 98 4.26 14.79 16.78
CA ALA A 98 4.59 13.46 17.29
C ALA A 98 3.42 12.52 17.01
N GLU A 99 3.66 11.37 16.37
CA GLU A 99 2.64 10.34 16.27
C GLU A 99 2.58 9.60 17.59
N THR A 100 1.37 9.19 17.99
CA THR A 100 1.22 8.30 19.14
C THR A 100 0.50 7.05 18.67
N PHE A 101 0.76 5.94 19.34
CA PHE A 101 0.05 4.69 19.06
C PHE A 101 -1.46 4.83 19.27
N MET A 102 -1.88 5.57 20.29
CA MET A 102 -3.29 5.80 20.61
C MET A 102 -4.07 6.52 19.50
N ASP A 103 -3.42 7.44 18.81
CA ASP A 103 -4.06 8.22 17.75
C ASP A 103 -3.70 7.69 16.36
N ASN A 104 -3.13 6.49 16.29
CA ASN A 104 -2.75 5.89 15.02
C ASN A 104 -3.93 5.13 14.48
N THR A 105 -4.93 5.89 14.06
CA THR A 105 -6.21 5.37 13.66
C THR A 105 -6.54 5.84 12.26
N GLU A 106 -7.54 5.20 11.65
CA GLU A 106 -7.96 5.57 10.32
C GLU A 106 -8.37 7.07 10.21
N PRO A 107 -9.27 7.56 11.09
CA PRO A 107 -9.64 8.98 10.97
C PRO A 107 -8.47 9.97 11.11
N HIS A 108 -7.53 9.69 12.01
CA HIS A 108 -6.39 10.58 12.21
C HIS A 108 -5.43 10.55 11.01
N ILE A 109 -5.13 9.36 10.51
CA ILE A 109 -4.25 9.22 9.34
C ILE A 109 -4.89 9.83 8.08
N ARG A 110 -6.17 9.53 7.88
CA ARG A 110 -6.93 10.12 6.77
C ARG A 110 -6.95 11.65 6.83
N GLY A 111 -7.14 12.19 8.03
CA GLY A 111 -7.10 13.64 8.22
C GLY A 111 -5.78 14.24 7.81
N ASN A 112 -4.67 13.62 8.20
CA ASN A 112 -3.34 14.06 7.79
C ASN A 112 -3.02 13.92 6.31
N VAL A 113 -3.45 12.82 5.70
CA VAL A 113 -3.27 12.62 4.27
C VAL A 113 -4.05 13.72 3.53
N ARG A 114 -5.30 13.94 3.92
CA ARG A 114 -6.15 14.96 3.31
C ARG A 114 -5.52 16.35 3.36
N ALA A 115 -5.12 16.76 4.56
CA ALA A 115 -4.47 18.05 4.78
C ALA A 115 -3.23 18.24 3.92
N LEU A 116 -2.36 17.25 3.86
CA LEU A 116 -1.17 17.30 2.99
C LEU A 116 -1.51 17.49 1.51
N LEU A 117 -2.50 16.74 1.02
CA LEU A 117 -2.91 16.85 -0.37
C LEU A 117 -3.54 18.23 -0.63
N GLN A 118 -4.29 18.75 0.35
CA GLN A 118 -4.90 20.08 0.26
C GLN A 118 -3.84 21.17 0.18
N MET A 119 -2.86 21.10 1.06
CA MET A 119 -1.73 22.01 1.00
C MET A 119 -1.01 21.91 -0.36
N ALA A 120 -0.79 20.69 -0.84
CA ALA A 120 0.02 20.47 -2.03
C ALA A 120 -0.62 21.04 -3.29
N VAL A 121 -1.95 20.99 -3.40
CA VAL A 121 -2.61 21.48 -4.60
C VAL A 121 -2.53 23.01 -4.64
N VAL A 122 -2.71 23.66 -3.49
CA VAL A 122 -2.54 25.11 -3.39
C VAL A 122 -1.11 25.55 -3.73
N LEU A 123 -0.13 24.84 -3.18
CA LEU A 123 1.28 25.15 -3.37
C LEU A 123 1.75 24.89 -4.82
N THR A 124 1.24 23.82 -5.43
CA THR A 124 1.51 23.55 -6.84
C THR A 124 1.03 24.69 -7.74
N TYR A 125 -0.18 25.18 -7.48
CA TYR A 125 -0.73 26.27 -8.24
C TYR A 125 0.12 27.54 -8.11
N GLY A 126 0.49 27.87 -6.87
CA GLY A 126 1.32 29.03 -6.59
C GLY A 126 2.73 28.90 -7.14
N ALA A 127 3.33 27.74 -6.95
CA ALA A 127 4.69 27.46 -7.43
C ALA A 127 4.83 27.40 -8.96
N SER A 128 3.75 26.96 -9.62
CA SER A 128 3.78 26.59 -11.04
C SER A 128 4.79 25.48 -11.33
N MET A 129 4.88 24.51 -10.42
CA MET A 129 5.83 23.39 -10.57
C MET A 129 5.42 22.26 -9.64
N PRO A 130 5.89 21.03 -9.90
CA PRO A 130 5.47 19.93 -9.03
C PRO A 130 5.86 20.12 -7.55
N VAL A 131 5.04 19.56 -6.66
CA VAL A 131 5.29 19.55 -5.25
C VAL A 131 5.47 18.10 -4.82
N VAL A 132 6.63 17.80 -4.21
CA VAL A 132 6.93 16.49 -3.60
C VAL A 132 6.30 16.50 -2.20
N LYS A 133 5.50 15.49 -1.91
CA LYS A 133 4.75 15.41 -0.65
C LYS A 133 5.38 14.36 0.25
N VAL A 134 5.90 14.82 1.38
CA VAL A 134 6.56 13.93 2.37
C VAL A 134 5.82 14.10 3.71
N ALA A 135 5.13 13.05 4.16
CA ALA A 135 4.47 13.06 5.46
C ALA A 135 5.42 12.78 6.62
N ARG A 136 5.19 13.42 7.74
CA ARG A 136 5.75 12.98 9.02
C ARG A 136 4.80 11.91 9.52
N ILE A 137 5.09 10.66 9.18
CA ILE A 137 4.13 9.61 9.41
C ILE A 137 4.82 8.26 9.35
N ALA A 138 4.17 7.25 9.94
CA ALA A 138 4.66 5.87 9.91
C ALA A 138 6.05 5.74 10.53
N GLY A 139 6.28 6.43 11.64
CA GLY A 139 7.57 6.33 12.34
C GLY A 139 7.99 7.47 13.25
N GLN A 140 7.21 8.55 13.31
CA GLN A 140 7.58 9.73 14.10
C GLN A 140 7.19 9.52 15.57
N TYR A 141 7.88 8.57 16.19
CA TYR A 141 7.53 8.01 17.50
C TYR A 141 8.61 8.22 18.58
N ALA A 142 9.55 9.11 18.33
CA ALA A 142 10.65 9.33 19.24
C ALA A 142 11.09 10.79 19.14
N LYS A 143 11.37 11.39 20.30
CA LYS A 143 11.88 12.74 20.37
C LYS A 143 12.98 12.86 21.42
N PRO A 144 13.85 13.86 21.25
CA PRO A 144 14.81 14.18 22.27
C PRO A 144 14.15 14.98 23.37
N ARG A 145 14.85 15.11 24.49
CA ARG A 145 14.40 15.96 25.58
C ARG A 145 15.60 16.70 26.13
N SER A 146 15.38 17.93 26.58
CA SER A 146 16.45 18.73 27.18
C SER A 146 16.84 18.21 28.57
N ALA A 147 15.84 17.75 29.33
CA ALA A 147 16.07 17.27 30.70
C ALA A 147 15.50 15.88 30.86
N ASP A 148 16.16 15.05 31.67
CA ASP A 148 15.63 13.70 31.90
C ASP A 148 14.54 13.73 32.99
N ILE A 149 14.35 14.86 33.68
CA ILE A 149 13.26 15.01 34.67
C ILE A 149 12.25 16.12 34.31
N ASP A 150 10.98 15.74 34.13
CA ASP A 150 9.95 16.70 33.73
C ASP A 150 9.33 17.45 34.94
N ALA A 151 8.31 18.27 34.67
CA ALA A 151 7.71 19.13 35.70
C ALA A 151 6.92 18.39 36.76
N LEU A 152 6.58 17.12 36.50
CA LEU A 152 5.91 16.27 37.49
C LEU A 152 6.92 15.43 38.30
N GLY A 153 8.21 15.65 38.08
CA GLY A 153 9.26 14.91 38.80
C GLY A 153 9.50 13.52 38.24
N LEU A 154 9.02 13.27 37.03
CA LEU A 154 9.12 11.95 36.41
C LEU A 154 10.18 11.99 35.33
N ARG A 155 10.71 10.81 35.01
CA ARG A 155 11.52 10.65 33.80
C ARG A 155 10.73 11.13 32.62
N SER A 156 11.39 11.87 31.74
CA SER A 156 10.75 12.50 30.61
C SER A 156 10.19 11.52 29.59
N TYR A 157 9.03 11.88 29.05
CA TYR A 157 8.40 11.19 27.94
C TYR A 157 9.24 11.44 26.69
N ARG A 158 9.63 10.39 26.00
CA ARG A 158 10.51 10.50 24.83
C ARG A 158 9.85 10.00 23.55
N GLY A 159 8.53 9.85 23.60
CA GLY A 159 7.78 9.28 22.48
C GLY A 159 7.51 7.79 22.61
N ASP A 160 6.48 7.33 21.92
CA ASP A 160 5.95 5.98 22.10
C ASP A 160 6.89 4.82 21.70
N MET A 161 7.90 5.09 20.89
CA MET A 161 8.93 4.08 20.60
C MET A 161 9.84 3.78 21.81
N ILE A 162 9.82 4.69 22.80
CA ILE A 162 10.76 4.66 23.93
C ILE A 162 10.02 4.42 25.24
N ASN A 163 9.04 5.25 25.55
CA ASN A 163 8.27 5.09 26.80
C ASN A 163 6.81 5.58 26.66
N GLY A 164 6.02 5.51 27.73
CA GLY A 164 4.63 6.00 27.74
C GLY A 164 4.42 7.42 28.25
N PHE A 165 3.46 8.12 27.62
CA PHE A 165 3.04 9.46 27.98
C PHE A 165 2.39 9.53 29.38
N ALA A 166 1.80 8.44 29.84
CA ALA A 166 1.03 8.47 31.08
C ALA A 166 1.95 8.96 32.20
N PRO A 167 1.45 9.89 33.05
CA PRO A 167 2.30 10.41 34.13
C PRO A 167 2.47 9.41 35.27
N ASP A 168 3.17 8.32 35.00
CA ASP A 168 3.56 7.42 36.08
C ASP A 168 4.86 6.69 35.80
N ALA A 169 5.54 6.33 36.88
CA ALA A 169 6.90 5.80 36.85
C ALA A 169 7.05 4.56 35.96
N ALA A 170 6.11 3.63 36.08
CA ALA A 170 6.15 2.40 35.29
C ALA A 170 6.10 2.69 33.78
N ALA A 171 5.18 3.57 33.37
CA ALA A 171 5.03 3.92 31.97
C ALA A 171 6.30 4.58 31.39
N ARG A 172 7.04 5.32 32.23
CA ARG A 172 8.16 6.15 31.77
C ARG A 172 9.48 5.41 31.62
N GLU A 173 9.54 4.19 32.12
CA GLU A 173 10.72 3.38 31.90
C GLU A 173 10.84 2.99 30.42
N HIS A 174 12.08 2.97 29.95
CA HIS A 174 12.38 2.75 28.56
C HIS A 174 12.18 1.28 28.24
N ASP A 175 11.27 1.00 27.31
CA ASP A 175 10.79 -0.36 27.10
C ASP A 175 11.13 -0.78 25.69
N PRO A 176 12.11 -1.67 25.54
CA PRO A 176 12.59 -2.04 24.21
C PRO A 176 11.55 -2.76 23.35
N SER A 177 10.49 -3.30 23.95
CA SER A 177 9.42 -3.95 23.20
C SER A 177 8.64 -2.94 22.35
N ARG A 178 8.73 -1.66 22.74
CA ARG A 178 8.16 -0.55 22.00
C ARG A 178 8.80 -0.34 20.62
N LEU A 179 9.99 -0.91 20.40
CA LEU A 179 10.59 -0.95 19.06
C LEU A 179 9.73 -1.76 18.07
N VAL A 180 9.21 -2.90 18.54
CA VAL A 180 8.41 -3.78 17.72
C VAL A 180 7.00 -3.22 17.60
N ARG A 181 6.52 -2.63 18.68
CA ARG A 181 5.23 -1.96 18.69
C ARG A 181 5.23 -0.76 17.73
N ALA A 182 6.37 -0.06 17.64
CA ALA A 182 6.53 1.05 16.69
C ALA A 182 6.46 0.56 15.26
N TYR A 183 7.21 -0.50 14.96
CA TYR A 183 7.16 -1.12 13.63
C TYR A 183 5.73 -1.50 13.22
N ALA A 184 5.02 -2.24 14.06
CA ALA A 184 3.64 -2.67 13.77
C ALA A 184 2.73 -1.48 13.43
N ASN A 185 2.86 -0.41 14.21
CA ASN A 185 2.08 0.81 13.98
C ASN A 185 2.48 1.54 12.71
N ALA A 186 3.77 1.56 12.45
CA ALA A 186 4.33 2.17 11.24
C ALA A 186 3.87 1.49 9.95
N SER A 187 4.00 0.17 9.91
CA SER A 187 3.56 -0.60 8.77
C SER A 187 2.04 -0.59 8.59
N ALA A 188 1.27 -0.57 9.68
CA ALA A 188 -0.18 -0.47 9.54
C ALA A 188 -0.58 0.91 9.01
N ALA A 189 0.04 1.97 9.54
CA ALA A 189 -0.15 3.34 9.00
C ALA A 189 0.19 3.45 7.51
N MET A 190 1.35 2.91 7.14
CA MET A 190 1.84 3.03 5.78
C MET A 190 0.94 2.26 4.83
N ASN A 191 0.49 1.08 5.25
CA ASN A 191 -0.52 0.37 4.50
C ASN A 191 -1.74 1.27 4.19
N LEU A 192 -2.27 1.95 5.20
CA LEU A 192 -3.43 2.86 4.99
C LEU A 192 -3.05 4.06 4.10
N VAL A 193 -1.88 4.64 4.28
CA VAL A 193 -1.44 5.77 3.44
C VAL A 193 -1.43 5.33 1.97
N ARG A 194 -0.87 4.16 1.69
CA ARG A 194 -0.86 3.62 0.31
C ARG A 194 -2.26 3.40 -0.25
N ALA A 195 -3.15 2.78 0.53
CA ALA A 195 -4.53 2.60 0.13
C ALA A 195 -5.22 3.93 -0.18
N LEU A 196 -5.01 4.92 0.68
CA LEU A 196 -5.68 6.21 0.53
C LEU A 196 -5.16 6.98 -0.69
N THR A 197 -3.86 6.95 -0.91
CA THR A 197 -3.29 7.69 -2.03
C THR A 197 -3.59 7.06 -3.40
N SER A 198 -4.02 5.80 -3.40
CA SER A 198 -4.50 5.12 -4.61
C SER A 198 -6.00 5.18 -4.82
N SER A 199 -6.75 5.83 -3.92
CA SER A 199 -8.21 5.94 -4.06
C SER A 199 -8.60 7.27 -4.71
N GLY A 200 -9.90 7.43 -4.92
CA GLY A 200 -10.46 8.64 -5.50
C GLY A 200 -10.45 9.83 -4.54
N LEU A 201 -10.27 9.58 -3.25
CA LEU A 201 -10.06 10.66 -2.29
C LEU A 201 -8.93 11.55 -2.79
N ALA A 202 -7.86 10.94 -3.27
CA ALA A 202 -6.67 11.67 -3.67
C ALA A 202 -6.81 12.44 -5.00
N SER A 203 -7.97 12.33 -5.66
CA SER A 203 -8.25 13.11 -6.88
C SER A 203 -8.16 14.63 -6.65
N LEU A 204 -7.48 15.32 -7.56
CA LEU A 204 -7.21 16.75 -7.42
C LEU A 204 -8.46 17.58 -7.16
N HIS A 205 -9.54 17.27 -7.86
CA HIS A 205 -10.74 18.08 -7.74
C HIS A 205 -11.53 17.77 -6.47
N LEU A 206 -11.45 16.53 -6.00
CA LEU A 206 -12.01 16.15 -4.70
C LEU A 206 -11.23 16.83 -3.58
N VAL A 207 -9.90 16.81 -3.69
CA VAL A 207 -9.04 17.41 -2.68
C VAL A 207 -9.34 18.91 -2.57
N HIS A 208 -9.48 19.58 -3.71
CA HIS A 208 -9.70 21.02 -3.67
C HIS A 208 -11.10 21.42 -3.23
N ASP A 209 -12.10 20.56 -3.42
CA ASP A 209 -13.45 20.82 -2.83
C ASP A 209 -13.37 21.05 -1.31
N TRP A 210 -12.47 20.34 -0.65
CA TRP A 210 -12.20 20.55 0.78
C TRP A 210 -11.63 21.94 1.05
N ASN A 211 -10.72 22.39 0.18
CA ASN A 211 -10.18 23.75 0.26
C ASN A 211 -11.27 24.80 0.10
N ARG A 212 -12.26 24.53 -0.74
CA ARG A 212 -13.33 25.50 -0.96
C ARG A 212 -14.32 25.53 0.22
N GLU A 213 -14.48 24.38 0.87
CA GLU A 213 -15.27 24.28 2.10
C GLU A 213 -14.56 25.00 3.24
N PHE A 214 -13.22 24.93 3.26
CA PHE A 214 -12.42 25.70 4.21
C PHE A 214 -12.66 27.21 4.05
N VAL A 215 -12.55 27.71 2.83
CA VAL A 215 -12.78 29.14 2.57
C VAL A 215 -14.19 29.55 2.96
N ARG A 216 -15.15 28.68 2.71
CA ARG A 216 -16.55 28.99 2.93
C ARG A 216 -16.94 29.04 4.40
N THR A 217 -16.23 28.31 5.26
CA THR A 217 -16.59 28.22 6.68
C THR A 217 -15.55 28.81 7.63
N SER A 218 -14.33 29.07 7.17
CA SER A 218 -13.30 29.70 8.01
C SER A 218 -13.63 31.18 8.23
N PRO A 219 -13.32 31.71 9.43
CA PRO A 219 -13.51 33.14 9.66
C PRO A 219 -12.55 34.00 8.83
N ALA A 220 -11.38 33.45 8.50
CA ALA A 220 -10.39 34.14 7.66
C ALA A 220 -10.57 33.83 6.17
N GLY A 221 -11.68 33.20 5.80
CA GLY A 221 -11.93 32.70 4.45
C GLY A 221 -11.82 33.72 3.34
N ALA A 222 -12.37 34.91 3.58
CA ALA A 222 -12.32 36.01 2.61
C ALA A 222 -10.90 36.35 2.13
N ARG A 223 -9.91 36.06 2.98
CA ARG A 223 -8.53 36.30 2.66
C ARG A 223 -8.00 35.34 1.57
N TYR A 224 -8.62 34.18 1.45
CA TYR A 224 -8.13 33.10 0.58
C TYR A 224 -9.10 32.72 -0.54
N GLU A 225 -10.24 33.42 -0.65
CA GLU A 225 -11.31 33.07 -1.58
C GLU A 225 -10.91 33.27 -3.06
N ALA A 226 -10.22 34.37 -3.34
CA ALA A 226 -9.77 34.67 -4.69
C ALA A 226 -8.86 33.57 -5.22
N LEU A 227 -7.89 33.16 -4.41
CA LEU A 227 -6.95 32.13 -4.80
C LEU A 227 -7.61 30.75 -4.87
N ALA A 228 -8.50 30.44 -3.93
CA ALA A 228 -9.23 29.16 -3.97
C ALA A 228 -10.08 29.06 -5.25
N THR A 229 -10.74 30.15 -5.61
CA THR A 229 -11.55 30.24 -6.83
C THR A 229 -10.69 30.13 -8.10
N GLU A 230 -9.50 30.72 -8.06
CA GLU A 230 -8.59 30.66 -9.18
C GLU A 230 -8.10 29.23 -9.43
N ILE A 231 -7.77 28.55 -8.35
CA ILE A 231 -7.38 27.15 -8.40
C ILE A 231 -8.53 26.30 -8.95
N ASP A 232 -9.76 26.58 -8.48
CA ASP A 232 -10.91 25.82 -8.94
C ASP A 232 -11.11 25.97 -10.44
N ARG A 233 -10.96 27.19 -10.94
CA ARG A 233 -11.04 27.46 -12.37
C ARG A 233 -9.91 26.78 -13.16
N GLY A 234 -8.72 26.67 -12.58
CA GLY A 234 -7.63 25.90 -13.19
C GLY A 234 -7.98 24.43 -13.34
N LEU A 235 -8.56 23.83 -12.30
CA LEU A 235 -8.97 22.42 -12.32
C LEU A 235 -10.08 22.15 -13.31
N ARG A 236 -11.03 23.06 -13.39
CA ARG A 236 -12.15 22.93 -14.32
C ARG A 236 -11.71 23.11 -15.76
N PHE A 237 -10.70 23.96 -15.95
CA PHE A 237 -10.05 24.13 -17.25
C PHE A 237 -9.34 22.83 -17.66
N MET A 238 -8.59 22.23 -16.74
CA MET A 238 -7.95 20.91 -16.95
C MET A 238 -8.95 19.89 -17.47
N SER A 239 -10.05 19.78 -16.73
CA SER A 239 -11.11 18.85 -17.06
C SER A 239 -11.78 19.17 -18.39
N ALA A 240 -11.99 20.45 -18.67
CA ALA A 240 -12.56 20.90 -19.95
C ALA A 240 -11.66 20.58 -21.16
N CYS A 241 -10.35 20.62 -20.93
CA CYS A 241 -9.36 20.23 -21.95
C CYS A 241 -9.23 18.71 -22.13
N GLY A 242 -10.03 17.94 -21.41
CA GLY A 242 -10.08 16.50 -21.57
C GLY A 242 -9.21 15.70 -20.62
N VAL A 243 -8.62 16.35 -19.61
CA VAL A 243 -7.76 15.67 -18.66
C VAL A 243 -8.62 15.00 -17.60
N ALA A 244 -8.51 13.68 -17.48
CA ALA A 244 -9.23 12.92 -16.45
C ALA A 244 -8.32 12.50 -15.31
N ASP A 245 -8.92 12.34 -14.14
CA ASP A 245 -8.32 11.63 -12.99
C ASP A 245 -7.61 10.34 -13.44
N ARG A 246 -8.29 9.55 -14.29
CA ARG A 246 -7.77 8.30 -14.88
C ARG A 246 -6.29 8.29 -15.25
N ASN A 247 -5.76 9.42 -15.72
CA ASN A 247 -4.36 9.49 -16.16
C ASN A 247 -3.40 10.09 -15.13
N LEU A 248 -3.83 11.11 -14.39
CA LEU A 248 -2.91 11.86 -13.51
C LEU A 248 -2.24 10.98 -12.45
N GLN A 249 -1.10 11.46 -11.97
CA GLN A 249 -0.40 10.87 -10.82
C GLN A 249 -0.27 9.31 -10.94
N THR A 250 -0.72 8.41 -10.05
CA THR A 250 -1.57 8.63 -8.87
C THR A 250 -0.76 9.23 -7.70
N ALA A 251 -1.44 9.81 -6.71
CA ALA A 251 -0.78 10.63 -5.68
C ALA A 251 0.30 9.83 -4.95
N GLU A 252 1.43 10.47 -4.69
CA GLU A 252 2.53 9.82 -4.03
C GLU A 252 2.76 10.63 -2.79
N ILE A 253 2.57 10.01 -1.63
CA ILE A 253 2.98 10.57 -0.37
C ILE A 253 4.08 9.68 0.18
N TYR A 254 5.21 10.30 0.48
CA TYR A 254 6.36 9.63 1.04
C TYR A 254 6.31 9.69 2.56
N ALA A 255 7.03 8.78 3.21
CA ALA A 255 7.07 8.70 4.65
C ALA A 255 8.42 9.21 5.15
N SER A 256 8.38 9.98 6.23
CA SER A 256 9.57 10.45 6.90
C SER A 256 9.38 10.47 8.40
N HIS A 257 10.50 10.46 9.12
CA HIS A 257 10.55 10.82 10.53
C HIS A 257 11.98 11.25 10.90
N GLU A 258 12.15 11.74 12.12
CA GLU A 258 13.49 11.98 12.64
C GLU A 258 14.15 10.65 12.95
N ALA A 259 15.28 10.35 12.30
CA ALA A 259 16.07 9.18 12.68
C ALA A 259 16.77 9.45 14.05
N LEU A 260 16.14 8.99 15.13
CA LEU A 260 16.60 9.29 16.49
C LEU A 260 17.07 8.04 17.21
N VAL A 261 16.24 7.00 17.21
CA VAL A 261 16.55 5.76 17.93
C VAL A 261 17.32 4.84 16.98
N LEU A 262 18.63 4.76 17.18
CA LEU A 262 19.47 4.06 16.21
C LEU A 262 19.25 2.54 16.23
N ASP A 263 18.78 1.99 17.35
CA ASP A 263 18.38 0.58 17.41
C ASP A 263 17.28 0.24 16.41
N TYR A 264 16.32 1.13 16.26
CA TYR A 264 15.24 0.95 15.30
C TYR A 264 15.76 1.09 13.86
N GLU A 265 16.46 2.20 13.60
CA GLU A 265 16.90 2.51 12.25
C GLU A 265 17.88 1.45 11.76
N ARG A 266 18.79 0.98 12.63
CA ARG A 266 19.74 -0.03 12.18
C ARG A 266 19.09 -1.38 11.89
N ALA A 267 18.07 -1.74 12.66
CA ALA A 267 17.33 -2.99 12.46
C ALA A 267 16.55 -2.97 11.15
N MET A 268 16.16 -1.78 10.72
CA MET A 268 15.37 -1.62 9.50
C MET A 268 16.20 -1.44 8.23
N LEU A 269 17.52 -1.62 8.34
CA LEU A 269 18.40 -1.54 7.18
C LEU A 269 18.25 -2.78 6.33
N ARG A 270 18.20 -2.57 5.02
CA ARG A 270 18.14 -3.67 4.05
C ARG A 270 19.08 -3.39 2.88
N LEU A 271 19.50 -4.46 2.22
CA LEU A 271 20.39 -4.38 1.09
C LEU A 271 19.65 -4.14 -0.23
N SER A 272 20.15 -3.19 -1.00
CA SER A 272 19.76 -3.03 -2.40
C SER A 272 20.87 -2.31 -3.19
N ASP A 273 20.73 -2.22 -4.51
CA ASP A 273 21.78 -1.64 -5.36
C ASP A 273 21.71 -0.12 -5.52
N GLY A 277 24.93 1.25 -8.93
CA GLY A 277 25.00 -0.17 -9.26
C GLY A 277 25.48 -1.10 -8.14
N GLU A 278 26.16 -0.54 -7.15
CA GLU A 278 26.79 -1.33 -6.08
C GLU A 278 25.83 -1.64 -4.93
N PRO A 279 26.04 -2.77 -4.23
CA PRO A 279 25.30 -3.02 -2.99
C PRO A 279 25.35 -1.80 -2.04
N GLN A 280 24.18 -1.41 -1.55
CA GLN A 280 24.04 -0.29 -0.62
C GLN A 280 23.00 -0.62 0.44
N LEU A 281 23.15 0.00 1.61
CA LEU A 281 22.17 -0.10 2.67
C LEU A 281 21.14 1.00 2.44
N PHE A 282 19.88 0.60 2.48
CA PHE A 282 18.75 1.53 2.51
C PHE A 282 18.10 1.36 3.88
N ASP A 283 17.71 2.47 4.49
CA ASP A 283 16.89 2.42 5.69
C ASP A 283 15.42 2.32 5.24
N LEU A 284 14.84 1.13 5.38
CA LEU A 284 13.49 0.89 4.88
C LEU A 284 12.38 1.06 5.95
N SER A 285 12.68 1.84 6.99
CA SER A 285 11.68 2.28 7.94
C SER A 285 10.94 3.52 7.45
N ALA A 286 11.48 4.14 6.40
CA ALA A 286 10.96 5.38 5.86
C ALA A 286 11.54 5.58 4.46
N HIS A 287 11.11 6.64 3.78
CA HIS A 287 11.67 7.00 2.49
C HIS A 287 12.82 7.98 2.72
N THR A 288 12.60 8.93 3.61
CA THR A 288 13.62 9.90 3.99
C THR A 288 13.54 10.12 5.49
N VAL A 289 14.67 10.46 6.09
CA VAL A 289 14.77 10.76 7.50
C VAL A 289 15.62 12.01 7.71
N TRP A 290 15.43 12.66 8.85
CA TRP A 290 16.29 13.78 9.18
C TRP A 290 16.93 13.60 10.52
N ILE A 291 17.91 14.45 10.76
CA ILE A 291 18.68 14.46 11.98
C ILE A 291 18.42 15.78 12.66
N GLY A 292 17.97 15.71 13.90
CA GLY A 292 17.55 16.89 14.62
C GLY A 292 18.71 17.70 15.18
N GLU A 293 18.35 18.86 15.70
CA GLU A 293 19.27 19.84 16.20
C GLU A 293 20.16 19.29 17.33
N ARG A 294 19.61 18.41 18.18
CA ARG A 294 20.33 17.91 19.34
C ARG A 294 21.15 16.61 19.09
N THR A 295 21.07 16.05 17.88
CA THR A 295 21.77 14.81 17.55
C THR A 295 22.64 14.92 16.30
N ARG A 296 22.90 16.14 15.85
CA ARG A 296 23.68 16.36 14.61
C ARG A 296 25.17 16.62 14.83
N GLN A 297 25.70 16.14 15.95
CA GLN A 297 27.13 16.24 16.23
C GLN A 297 27.89 15.69 15.02
N ILE A 298 28.80 16.49 14.47
CA ILE A 298 29.52 16.17 13.23
C ILE A 298 30.26 14.82 13.30
N ASP A 299 30.83 14.52 14.47
CA ASP A 299 31.48 13.24 14.75
C ASP A 299 30.63 12.26 15.57
N GLY A 300 29.30 12.42 15.50
CA GLY A 300 28.39 11.54 16.19
C GLY A 300 27.86 10.42 15.33
N ALA A 301 27.20 9.48 15.98
CA ALA A 301 26.62 8.30 15.34
C ALA A 301 25.48 8.60 14.36
N HIS A 302 24.66 9.61 14.63
CA HIS A 302 23.54 9.93 13.75
C HIS A 302 24.02 10.40 12.38
N ILE A 303 24.99 11.32 12.37
CA ILE A 303 25.56 11.81 11.10
C ILE A 303 26.32 10.67 10.39
N ALA A 304 27.04 9.84 11.14
CA ALA A 304 27.73 8.68 10.55
C ALA A 304 26.78 7.68 9.90
N PHE A 305 25.64 7.45 10.56
CA PHE A 305 24.59 6.59 10.06
C PHE A 305 24.00 7.13 8.75
N ALA A 306 23.60 8.41 8.75
CA ALA A 306 23.14 9.10 7.54
C ALA A 306 24.18 9.03 6.43
N GLN A 307 25.45 8.98 6.81
CA GLN A 307 26.52 8.83 5.82
C GLN A 307 26.51 7.49 5.11
N VAL A 308 26.13 6.43 5.81
CA VAL A 308 26.20 5.08 5.30
C VAL A 308 24.95 4.67 4.51
N ILE A 309 23.81 5.29 4.79
CA ILE A 309 22.56 4.91 4.11
C ILE A 309 22.35 5.62 2.76
N ALA A 310 21.58 4.97 1.86
CA ALA A 310 21.34 5.52 0.53
C ALA A 310 20.18 6.53 0.51
N ASN A 311 19.35 6.54 1.54
CA ASN A 311 18.16 7.40 1.57
C ASN A 311 18.51 8.88 1.44
N PRO A 312 17.64 9.68 0.80
CA PRO A 312 17.76 11.12 1.00
C PRO A 312 17.67 11.48 2.48
N VAL A 313 18.45 12.46 2.91
CA VAL A 313 18.46 12.87 4.30
C VAL A 313 18.40 14.38 4.48
N GLY A 314 17.95 14.80 5.66
CA GLY A 314 17.93 16.18 6.06
C GLY A 314 18.64 16.42 7.38
N VAL A 315 19.13 17.64 7.55
CA VAL A 315 19.75 18.07 8.83
C VAL A 315 19.13 19.39 9.21
N LYS A 316 18.61 19.45 10.44
CA LYS A 316 18.10 20.69 11.04
C LYS A 316 19.21 21.65 11.42
N LEU A 317 19.13 22.89 10.94
CA LEU A 317 20.13 23.91 11.21
C LEU A 317 19.51 25.06 12.00
N GLY A 318 19.93 25.22 13.26
CA GLY A 318 19.45 26.28 14.14
C GLY A 318 20.33 27.52 14.17
N PRO A 319 20.01 28.49 15.05
CA PRO A 319 20.71 29.78 15.12
C PRO A 319 22.20 29.72 15.52
N ASN A 320 22.64 28.65 16.17
CA ASN A 320 24.07 28.47 16.48
C ASN A 320 24.90 27.97 15.29
N MET A 321 24.24 27.68 14.17
CA MET A 321 24.93 27.18 12.98
C MET A 321 25.90 28.20 12.40
N THR A 322 27.10 27.73 12.06
CA THR A 322 28.05 28.52 11.30
C THR A 322 28.00 28.10 9.84
N PRO A 323 28.36 29.01 8.92
CA PRO A 323 28.52 28.59 7.53
C PRO A 323 29.54 27.47 7.35
N GLU A 324 30.58 27.45 8.20
CA GLU A 324 31.64 26.44 8.13
C GLU A 324 31.16 25.04 8.50
N LEU A 325 30.42 24.92 9.60
CA LEU A 325 29.85 23.63 9.98
C LEU A 325 28.85 23.15 8.92
N ALA A 326 28.10 24.07 8.33
CA ALA A 326 27.13 23.72 7.30
C ALA A 326 27.81 23.09 6.08
N VAL A 327 28.96 23.63 5.70
CA VAL A 327 29.76 23.05 4.60
C VAL A 327 30.26 21.66 4.96
N GLU A 328 30.63 21.44 6.22
CA GLU A 328 31.02 20.12 6.71
C GLU A 328 29.94 19.05 6.59
N TYR A 329 28.68 19.42 6.86
CA TYR A 329 27.56 18.51 6.62
C TYR A 329 27.42 18.17 5.16
N VAL A 330 27.60 19.16 4.29
CA VAL A 330 27.53 18.96 2.85
C VAL A 330 28.60 17.96 2.38
N GLU A 331 29.84 18.14 2.87
CA GLU A 331 30.95 17.28 2.49
C GLU A 331 30.82 15.86 3.04
N ARG A 332 30.30 15.73 4.26
CA ARG A 332 30.05 14.40 4.84
C ARG A 332 28.86 13.69 4.22
N LEU A 333 27.77 14.41 4.02
CA LEU A 333 26.50 13.80 3.66
C LEU A 333 26.19 13.80 2.16
N ASP A 334 26.93 14.59 1.38
CA ASP A 334 26.78 14.52 -0.08
C ASP A 334 28.14 14.42 -0.79
N PRO A 335 28.91 13.37 -0.46
CA PRO A 335 30.27 13.28 -0.98
C PRO A 335 30.33 13.03 -2.49
N HIS A 336 29.26 12.44 -3.03
CA HIS A 336 29.16 12.15 -4.46
C HIS A 336 28.50 13.27 -5.27
N ASN A 337 28.20 14.40 -4.64
CA ASN A 337 27.53 15.49 -5.31
C ASN A 337 26.28 15.00 -6.06
N LYS A 338 25.33 14.44 -5.30
CA LYS A 338 24.02 14.06 -5.83
C LYS A 338 22.97 15.09 -5.44
N PRO A 339 22.50 15.90 -6.40
CA PRO A 339 21.50 16.92 -6.08
C PRO A 339 20.27 16.34 -5.34
N GLY A 340 19.87 16.97 -4.25
CA GLY A 340 18.67 16.55 -3.53
C GLY A 340 18.86 15.42 -2.54
N ARG A 341 20.04 14.82 -2.53
CA ARG A 341 20.36 13.82 -1.53
C ARG A 341 20.37 14.46 -0.14
N LEU A 342 20.88 15.69 -0.04
CA LEU A 342 20.90 16.41 1.22
C LEU A 342 19.98 17.62 1.21
N THR A 343 19.15 17.71 2.24
CA THR A 343 18.30 18.85 2.52
C THR A 343 18.80 19.57 3.79
N LEU A 344 19.00 20.88 3.72
CA LEU A 344 19.39 21.66 4.88
C LEU A 344 18.16 22.42 5.35
N VAL A 345 17.70 22.11 6.56
CA VAL A 345 16.43 22.61 7.07
C VAL A 345 16.68 23.77 8.03
N SER A 346 16.37 24.97 7.58
CA SER A 346 16.54 26.19 8.37
C SER A 346 15.45 26.34 9.44
N ARG A 347 15.86 26.50 10.69
CA ARG A 347 14.92 26.85 11.78
C ARG A 347 15.61 27.84 12.73
N MET A 348 15.68 29.09 12.30
CA MET A 348 16.43 30.15 12.98
C MET A 348 15.60 30.99 13.94
N GLY A 349 14.29 31.09 13.68
CA GLY A 349 13.42 32.06 14.32
C GLY A 349 13.20 33.22 13.36
N ASN A 350 11.99 33.77 13.33
CA ASN A 350 11.65 34.81 12.35
C ASN A 350 12.48 36.08 12.51
N HIS A 351 12.91 36.33 13.74
CA HIS A 351 13.74 37.48 14.09
C HIS A 351 15.21 37.32 13.68
N LYS A 352 15.65 36.07 13.48
CA LYS A 352 17.05 35.81 13.15
C LYS A 352 17.32 35.34 11.71
N VAL A 353 16.30 34.76 11.06
CA VAL A 353 16.49 34.08 9.76
C VAL A 353 17.13 34.97 8.68
N ARG A 354 16.72 36.24 8.65
CA ARG A 354 17.21 37.18 7.65
C ARG A 354 18.68 37.54 7.83
N ASP A 355 19.17 37.45 9.07
CA ASP A 355 20.57 37.76 9.38
C ASP A 355 21.45 36.52 9.26
N LEU A 356 20.96 35.39 9.74
CA LEU A 356 21.79 34.19 9.92
C LEU A 356 21.82 33.25 8.74
N LEU A 357 20.73 33.14 7.98
CA LEU A 357 20.69 32.19 6.86
C LEU A 357 21.60 32.59 5.69
N PRO A 358 21.60 33.88 5.29
CA PRO A 358 22.36 34.24 4.08
C PRO A 358 23.83 33.80 4.00
N PRO A 359 24.63 34.01 5.07
CA PRO A 359 26.04 33.55 4.98
C PRO A 359 26.17 32.02 4.96
N ILE A 360 25.21 31.31 5.55
CA ILE A 360 25.18 29.84 5.43
C ILE A 360 24.89 29.46 3.97
N VAL A 361 23.86 30.07 3.38
CA VAL A 361 23.49 29.76 2.00
C VAL A 361 24.63 30.06 1.03
N GLU A 362 25.26 31.23 1.19
CA GLU A 362 26.36 31.63 0.32
C GLU A 362 27.54 30.64 0.33
N LYS A 363 27.98 30.28 1.53
CA LYS A 363 29.08 29.31 1.69
C LYS A 363 28.74 27.92 1.13
N VAL A 364 27.57 27.40 1.47
CA VAL A 364 27.13 26.11 0.91
C VAL A 364 27.05 26.18 -0.63
N GLN A 365 26.41 27.23 -1.14
CA GLN A 365 26.30 27.37 -2.61
C GLN A 365 27.66 27.39 -3.31
N ALA A 366 28.69 27.91 -2.63
CA ALA A 366 30.04 28.00 -3.24
C ALA A 366 30.78 26.67 -3.28
N THR A 367 30.30 25.66 -2.56
CA THR A 367 30.88 24.31 -2.64
C THR A 367 30.63 23.62 -4.00
N GLY A 368 29.64 24.10 -4.74
CA GLY A 368 29.25 23.43 -5.98
C GLY A 368 28.24 22.30 -5.81
N HIS A 369 27.89 21.97 -4.57
CA HIS A 369 26.85 20.93 -4.31
C HIS A 369 25.46 21.54 -4.39
N GLN A 370 24.48 20.69 -4.67
CA GLN A 370 23.10 21.13 -4.83
C GLN A 370 22.24 20.53 -3.73
N VAL A 371 22.09 21.28 -2.66
CA VAL A 371 21.24 20.88 -1.58
C VAL A 371 19.86 21.43 -1.81
N ILE A 372 18.88 20.89 -1.08
CA ILE A 372 17.59 21.51 -0.96
C ILE A 372 17.61 22.44 0.27
N TRP A 373 17.15 23.66 0.08
CA TRP A 373 16.97 24.62 1.17
C TRP A 373 15.52 24.56 1.59
N GLN A 374 15.27 24.11 2.82
CA GLN A 374 13.91 23.97 3.32
C GLN A 374 13.73 24.77 4.58
N CYS A 375 12.55 25.39 4.71
CA CYS A 375 12.20 26.19 5.87
C CYS A 375 11.34 25.42 6.86
N ASP A 376 11.85 25.33 8.09
CA ASP A 376 11.08 24.90 9.25
C ASP A 376 10.80 26.16 10.10
N PRO A 377 9.61 26.75 9.95
CA PRO A 377 9.27 27.98 10.66
C PRO A 377 8.66 27.74 12.05
N MET A 378 8.75 26.53 12.56
CA MET A 378 8.12 26.17 13.83
C MET A 378 9.13 26.21 14.96
N HIS A 379 10.21 25.43 14.79
CA HIS A 379 11.10 25.06 15.89
C HIS A 379 11.93 26.18 16.44
N GLY A 380 12.06 27.27 15.68
CA GLY A 380 12.78 28.45 16.16
C GLY A 380 11.90 29.52 16.76
N ASN A 381 10.58 29.30 16.83
CA ASN A 381 9.64 30.39 17.17
C ASN A 381 8.76 30.18 18.42
N THR A 391 4.96 39.21 16.77
CA THR A 391 4.08 39.20 17.94
C THR A 391 3.42 37.82 18.13
N ARG A 392 2.20 37.64 17.60
CA ARG A 392 1.46 36.37 17.75
C ARG A 392 2.17 35.20 17.05
N HIS A 393 1.84 33.98 17.47
CA HIS A 393 2.55 32.76 17.06
C HIS A 393 2.48 32.55 15.54
N PHE A 394 1.28 32.58 14.99
CA PHE A 394 1.05 32.38 13.55
C PHE A 394 1.76 33.45 12.73
N ASP A 395 1.75 34.68 13.21
CA ASP A 395 2.44 35.77 12.54
C ASP A 395 3.95 35.57 12.52
N ARG A 396 4.49 34.97 13.58
CA ARG A 396 5.92 34.65 13.65
C ARG A 396 6.26 33.52 12.69
N ILE A 397 5.44 32.47 12.69
CA ILE A 397 5.61 31.37 11.75
C ILE A 397 5.64 31.89 10.30
N VAL A 398 4.62 32.66 9.93
CA VAL A 398 4.53 33.26 8.59
C VAL A 398 5.73 34.17 8.31
N ASP A 399 6.15 34.94 9.31
CA ASP A 399 7.24 35.88 9.13
C ASP A 399 8.54 35.17 8.85
N GLU A 400 8.78 34.00 9.45
CA GLU A 400 10.00 33.26 9.18
C GLU A 400 10.01 32.69 7.76
N VAL A 401 8.88 32.16 7.27
CA VAL A 401 8.82 31.68 5.89
C VAL A 401 9.03 32.86 4.94
N GLN A 402 8.43 34.01 5.27
CA GLN A 402 8.60 35.24 4.49
C GLN A 402 10.09 35.64 4.44
N GLY A 403 10.73 35.70 5.60
CA GLY A 403 12.16 36.01 5.72
C GLY A 403 13.02 35.05 4.94
N PHE A 404 12.68 33.76 5.03
CA PHE A 404 13.33 32.69 4.25
C PHE A 404 13.25 32.93 2.73
N PHE A 405 12.06 33.28 2.24
CA PHE A 405 11.89 33.62 0.83
C PHE A 405 12.68 34.86 0.43
N GLU A 406 12.66 35.90 1.26
CA GLU A 406 13.43 37.12 1.02
C GLU A 406 14.94 36.85 0.89
N VAL A 407 15.49 36.01 1.76
CA VAL A 407 16.90 35.62 1.68
C VAL A 407 17.24 34.93 0.34
N HIS A 408 16.41 33.99 -0.08
CA HIS A 408 16.68 33.28 -1.34
C HIS A 408 16.48 34.17 -2.58
N ARG A 409 15.50 35.08 -2.56
CA ARG A 409 15.31 36.01 -3.67
C ARG A 409 16.56 36.87 -3.83
N ALA A 410 17.03 37.43 -2.71
CA ALA A 410 18.18 38.30 -2.72
C ALA A 410 19.44 37.56 -3.21
N LEU A 411 19.59 36.29 -2.83
CA LEU A 411 20.78 35.52 -3.22
C LEU A 411 20.66 34.83 -4.58
N GLY A 412 19.45 34.78 -5.15
CA GLY A 412 19.23 34.08 -6.41
C GLY A 412 19.21 32.56 -6.28
N THR A 413 19.01 32.08 -5.05
CA THR A 413 18.98 30.65 -4.77
C THR A 413 17.52 30.18 -4.69
N HIS A 414 17.31 28.87 -4.58
CA HIS A 414 15.97 28.33 -4.62
C HIS A 414 15.40 28.14 -3.22
N PRO A 415 14.27 28.81 -2.92
CA PRO A 415 13.58 28.47 -1.68
C PRO A 415 12.84 27.15 -1.91
N GLY A 416 13.41 26.06 -1.42
CA GLY A 416 13.09 24.71 -1.92
C GLY A 416 11.91 23.99 -1.31
N GLY A 417 11.53 24.36 -0.09
CA GLY A 417 10.40 23.71 0.53
C GLY A 417 10.07 24.20 1.92
N ILE A 418 9.03 23.63 2.51
CA ILE A 418 8.68 23.91 3.89
C ILE A 418 8.47 22.61 4.63
N HIS A 419 8.69 22.69 5.94
CA HIS A 419 8.58 21.57 6.84
C HIS A 419 7.73 22.07 8.01
N VAL A 420 6.50 21.58 8.09
CA VAL A 420 5.54 22.08 9.08
C VAL A 420 4.98 20.95 9.96
N GLU A 421 4.64 21.32 11.19
CA GLU A 421 4.12 20.37 12.17
C GLU A 421 2.69 20.73 12.44
N ILE A 422 1.82 19.73 12.34
CA ILE A 422 0.40 19.92 12.60
C ILE A 422 0.08 19.33 13.99
N THR A 423 -0.67 20.10 14.78
CA THR A 423 -1.08 19.67 16.13
C THR A 423 -2.52 20.06 16.37
N ARG A 453 2.35 25.11 18.17
CA ARG A 453 2.43 24.79 16.75
C ARG A 453 1.15 25.25 15.98
N LEU A 454 0.89 24.61 14.84
CA LEU A 454 -0.21 24.97 13.94
C LEU A 454 -1.25 23.87 13.96
N ASN A 455 -2.52 24.25 14.05
CA ASN A 455 -3.62 23.31 13.80
C ASN A 455 -3.84 23.16 12.30
N THR A 456 -4.79 22.31 11.91
CA THR A 456 -5.01 21.94 10.51
C THR A 456 -5.49 23.11 9.67
N GLN A 457 -6.44 23.87 10.21
CA GLN A 457 -6.95 25.07 9.56
C GLN A 457 -5.83 26.09 9.31
N GLN A 458 -4.94 26.24 10.29
CA GLN A 458 -3.84 27.20 10.20
C GLN A 458 -2.78 26.78 9.19
N SER A 459 -2.51 25.48 9.13
CA SER A 459 -1.53 24.94 8.21
C SER A 459 -2.03 25.13 6.76
N LEU A 460 -3.33 24.99 6.57
CA LEU A 460 -3.96 25.27 5.29
C LEU A 460 -3.85 26.76 4.91
N GLU A 461 -4.12 27.65 5.87
CA GLU A 461 -3.89 29.09 5.66
C GLU A 461 -2.46 29.39 5.25
N LEU A 462 -1.52 28.72 5.92
CA LEU A 462 -0.11 28.88 5.65
C LEU A 462 0.25 28.49 4.21
N ALA A 463 -0.37 27.43 3.71
CA ALA A 463 -0.18 26.98 2.34
C ALA A 463 -0.64 28.05 1.35
N PHE A 464 -1.78 28.67 1.60
CA PHE A 464 -2.25 29.78 0.77
C PHE A 464 -1.26 30.96 0.77
N LEU A 465 -0.78 31.33 1.94
CA LEU A 465 0.17 32.44 2.08
C LEU A 465 1.52 32.11 1.45
N VAL A 466 2.01 30.87 1.61
CA VAL A 466 3.25 30.46 0.94
C VAL A 466 3.04 30.36 -0.59
N ALA A 467 1.87 29.89 -1.01
CA ALA A 467 1.51 29.92 -2.44
C ALA A 467 1.65 31.33 -3.03
N GLU A 468 1.18 32.34 -2.31
CA GLU A 468 1.37 33.73 -2.73
C GLU A 468 2.84 34.17 -2.77
N MET A 469 3.62 33.67 -1.81
CA MET A 469 5.07 33.93 -1.78
C MET A 469 5.76 33.29 -2.99
N LEU A 470 5.29 32.12 -3.40
CA LEU A 470 5.88 31.40 -4.54
C LEU A 470 5.63 32.08 -5.89
N ARG A 471 4.61 32.94 -5.96
CA ARG A 471 4.30 33.66 -7.19
C ARG A 471 5.41 34.65 -7.51
N ASP A 472 5.58 35.67 -6.80
N TRP B 13 9.36 -13.37 25.16
CA TRP B 13 9.36 -11.92 24.77
C TRP B 13 7.96 -11.46 24.34
N THR B 14 7.45 -10.40 24.98
CA THR B 14 6.11 -9.90 24.66
C THR B 14 6.06 -8.38 24.48
N VAL B 15 5.11 -7.93 23.66
CA VAL B 15 4.80 -6.52 23.49
C VAL B 15 3.60 -6.30 24.37
N ASP B 16 3.45 -5.11 24.94
CA ASP B 16 2.32 -4.84 25.83
C ASP B 16 1.42 -3.75 25.25
N ILE B 17 0.12 -3.95 25.35
CA ILE B 17 -0.82 -3.04 24.70
C ILE B 17 -1.96 -2.68 25.63
N PRO B 18 -2.16 -1.38 25.87
CA PRO B 18 -3.12 -1.00 26.87
C PRO B 18 -4.51 -0.83 26.25
N ILE B 19 -5.50 -1.54 26.80
CA ILE B 19 -6.83 -1.70 26.18
C ILE B 19 -7.68 -0.42 26.33
N LEU B 25 -16.15 4.68 20.24
CA LEU B 25 -16.43 4.52 18.81
C LEU B 25 -17.91 4.84 18.54
N PRO B 26 -18.22 5.50 17.42
CA PRO B 26 -19.64 5.78 17.11
C PRO B 26 -20.50 4.51 16.88
N PRO B 27 -21.81 4.56 17.23
CA PRO B 27 -22.65 3.37 17.10
C PRO B 27 -23.09 3.05 15.67
N LEU B 28 -23.14 1.76 15.36
CA LEU B 28 -23.77 1.29 14.14
C LEU B 28 -25.22 1.77 14.00
N PRO B 29 -25.65 2.02 12.75
CA PRO B 29 -27.09 2.16 12.55
C PRO B 29 -27.86 1.01 13.20
N THR B 30 -29.02 1.33 13.76
CA THR B 30 -29.78 0.38 14.56
C THR B 30 -30.02 -0.94 13.87
N ASP B 31 -30.42 -0.88 12.60
CA ASP B 31 -30.68 -2.10 11.84
C ASP B 31 -29.43 -2.96 11.62
N LEU B 32 -28.28 -2.31 11.40
CA LEU B 32 -27.04 -3.05 11.17
C LEU B 32 -26.57 -3.76 12.44
N ARG B 33 -26.71 -3.10 13.59
CA ARG B 33 -26.45 -3.70 14.90
C ARG B 33 -27.36 -4.89 15.16
N THR B 34 -28.66 -4.74 14.89
CA THR B 34 -29.62 -5.84 15.07
C THR B 34 -29.22 -7.04 14.20
N ARG B 35 -28.92 -6.77 12.93
CA ARG B 35 -28.57 -7.83 12.00
C ARG B 35 -27.24 -8.47 12.33
N LEU B 36 -26.26 -7.66 12.72
CA LEU B 36 -24.95 -8.20 13.10
C LEU B 36 -25.07 -9.08 14.34
N ASP B 37 -25.78 -8.58 15.35
CA ASP B 37 -26.04 -9.36 16.56
C ASP B 37 -26.76 -10.67 16.26
N ALA B 38 -27.81 -10.63 15.44
CA ALA B 38 -28.55 -11.84 15.07
C ALA B 38 -27.67 -12.87 14.34
N ALA B 39 -26.78 -12.41 13.45
CA ALA B 39 -25.87 -13.30 12.72
C ALA B 39 -24.90 -14.00 13.64
N LEU B 40 -24.31 -13.26 14.56
CA LEU B 40 -23.30 -13.79 15.47
C LEU B 40 -23.87 -14.64 16.60
N ALA B 41 -25.17 -14.54 16.86
CA ALA B 41 -25.86 -15.39 17.84
C ALA B 41 -26.17 -16.79 17.28
N LYS B 42 -26.13 -16.95 15.96
CA LYS B 42 -26.34 -18.25 15.35
C LYS B 42 -25.17 -19.20 15.64
N PRO B 43 -25.39 -20.52 15.55
CA PRO B 43 -24.28 -21.45 15.80
C PRO B 43 -23.14 -21.31 14.77
N ALA B 44 -21.92 -21.24 15.30
CA ALA B 44 -20.71 -21.10 14.53
C ALA B 44 -19.87 -22.37 14.70
N ALA B 45 -19.60 -23.05 13.61
CA ALA B 45 -18.72 -24.21 13.64
C ALA B 45 -17.24 -23.75 13.64
N GLN B 46 -16.36 -24.65 14.10
CA GLN B 46 -14.92 -24.52 13.94
C GLN B 46 -14.27 -23.30 14.61
N GLN B 47 -14.86 -22.81 15.69
CA GLN B 47 -14.35 -21.61 16.37
C GLN B 47 -13.32 -21.99 17.45
N PRO B 48 -12.34 -21.09 17.68
CA PRO B 48 -11.41 -21.28 18.82
C PRO B 48 -12.17 -21.33 20.15
N THR B 49 -11.61 -22.01 21.13
CA THR B 49 -12.29 -22.24 22.38
C THR B 49 -11.68 -21.40 23.52
N TRP B 50 -11.16 -20.23 23.20
CA TRP B 50 -10.60 -19.33 24.20
C TRP B 50 -11.69 -18.56 24.96
N PRO B 51 -11.35 -17.99 26.13
CA PRO B 51 -12.36 -17.30 26.94
C PRO B 51 -12.90 -16.00 26.33
N ALA B 52 -14.22 -15.82 26.45
CA ALA B 52 -14.92 -14.67 25.90
C ALA B 52 -14.38 -13.30 26.34
N ASP B 53 -14.00 -13.19 27.62
CA ASP B 53 -13.47 -11.93 28.14
C ASP B 53 -12.13 -11.55 27.50
N GLN B 54 -11.29 -12.56 27.25
CA GLN B 54 -10.00 -12.36 26.62
C GLN B 54 -10.19 -12.02 25.14
N ALA B 55 -11.10 -12.73 24.47
CA ALA B 55 -11.49 -12.42 23.12
C ALA B 55 -11.97 -10.96 22.98
N LEU B 56 -12.79 -10.51 23.94
CA LEU B 56 -13.35 -9.16 23.91
C LEU B 56 -12.25 -8.11 24.03
N ALA B 57 -11.27 -8.34 24.89
CA ALA B 57 -10.13 -7.44 25.02
C ALA B 57 -9.39 -7.31 23.68
N MET B 58 -9.13 -8.43 23.04
CA MET B 58 -8.42 -8.42 21.75
C MET B 58 -9.25 -7.77 20.63
N ARG B 59 -10.55 -8.07 20.57
CA ARG B 59 -11.43 -7.42 19.59
C ARG B 59 -11.45 -5.90 19.80
N THR B 60 -11.42 -5.48 21.06
CA THR B 60 -11.41 -4.04 21.40
C THR B 60 -10.17 -3.34 20.89
N VAL B 61 -9.01 -4.00 20.98
CA VAL B 61 -7.80 -3.49 20.35
C VAL B 61 -7.96 -3.35 18.82
N LEU B 62 -8.45 -4.40 18.18
CA LEU B 62 -8.57 -4.41 16.73
C LEU B 62 -9.63 -3.45 16.18
N GLU B 63 -10.57 -3.03 17.02
CA GLU B 63 -11.64 -2.17 16.59
C GLU B 63 -11.18 -0.77 16.23
N SER B 64 -10.00 -0.37 16.69
CA SER B 64 -9.48 0.96 16.44
C SER B 64 -8.24 1.02 15.53
N VAL B 65 -7.68 -0.13 15.16
CA VAL B 65 -6.49 -0.16 14.29
C VAL B 65 -6.81 0.27 12.86
N PRO B 66 -5.79 0.77 12.12
CA PRO B 66 -5.96 1.00 10.67
C PRO B 66 -6.35 -0.28 9.92
N PRO B 67 -7.32 -0.18 9.02
CA PRO B 67 -7.79 -1.39 8.35
C PRO B 67 -6.76 -1.97 7.36
N VAL B 68 -6.92 -3.23 7.01
CA VAL B 68 -6.07 -3.85 6.01
C VAL B 68 -6.43 -3.34 4.60
N THR B 69 -7.72 -3.16 4.35
CA THR B 69 -8.27 -2.70 3.07
C THR B 69 -9.23 -1.55 3.34
N VAL B 70 -9.61 -0.84 2.29
CA VAL B 70 -10.58 0.26 2.40
C VAL B 70 -11.78 -0.01 1.49
N PRO B 71 -12.97 0.53 1.87
CA PRO B 71 -14.20 0.26 1.10
C PRO B 71 -14.12 0.54 -0.39
N SER B 72 -13.47 1.64 -0.81
CA SER B 72 -13.40 2.01 -2.23
C SER B 72 -12.75 0.89 -3.07
N GLU B 73 -11.81 0.16 -2.48
CA GLU B 73 -11.16 -0.99 -3.14
C GLU B 73 -12.07 -2.20 -3.28
N ILE B 74 -12.90 -2.42 -2.27
CA ILE B 74 -13.88 -3.50 -2.27
C ILE B 74 -14.98 -3.25 -3.32
N VAL B 75 -15.44 -2.02 -3.40
CA VAL B 75 -16.38 -1.61 -4.43
C VAL B 75 -15.77 -1.75 -5.82
N ARG B 76 -14.49 -1.38 -5.97
CA ARG B 76 -13.83 -1.58 -7.26
C ARG B 76 -13.66 -3.06 -7.61
N LEU B 77 -13.36 -3.89 -6.63
CA LEU B 77 -13.27 -5.33 -6.86
C LEU B 77 -14.61 -5.90 -7.32
N GLN B 78 -15.69 -5.47 -6.67
CA GLN B 78 -17.05 -5.88 -7.04
C GLN B 78 -17.38 -5.58 -8.52
N GLU B 79 -16.99 -4.39 -8.98
CA GLU B 79 -17.17 -4.01 -10.39
C GLU B 79 -16.38 -4.93 -11.32
N GLN B 80 -15.13 -5.22 -10.94
CA GLN B 80 -14.27 -6.07 -11.75
C GLN B 80 -14.76 -7.52 -11.75
N LEU B 81 -15.27 -7.98 -10.62
CA LEU B 81 -15.89 -9.31 -10.50
C LEU B 81 -17.23 -9.44 -11.25
N ALA B 82 -17.96 -8.34 -11.37
CA ALA B 82 -19.15 -8.29 -12.20
C ALA B 82 -18.81 -8.61 -13.65
N GLN B 83 -17.68 -8.12 -14.14
CA GLN B 83 -17.23 -8.44 -15.48
C GLN B 83 -16.91 -9.93 -15.62
N VAL B 84 -16.30 -10.54 -14.60
CA VAL B 84 -16.08 -12.00 -14.60
C VAL B 84 -17.41 -12.77 -14.68
N ALA B 85 -18.37 -12.42 -13.82
CA ALA B 85 -19.68 -13.06 -13.79
C ALA B 85 -20.39 -12.99 -15.13
N LYS B 86 -20.24 -11.87 -15.85
CA LYS B 86 -20.85 -11.68 -17.16
C LYS B 86 -20.10 -12.33 -18.32
N GLY B 87 -18.98 -13.00 -18.07
CA GLY B 87 -18.26 -13.73 -19.10
C GLY B 87 -17.19 -12.91 -19.81
N GLU B 88 -16.78 -11.80 -19.21
CA GLU B 88 -15.89 -10.84 -19.86
C GLU B 88 -14.56 -10.66 -19.13
N ALA B 89 -14.36 -11.46 -18.09
CA ALA B 89 -13.07 -11.53 -17.40
C ALA B 89 -12.97 -12.92 -16.72
N PHE B 90 -11.77 -13.21 -16.22
CA PHE B 90 -11.43 -14.49 -15.58
C PHE B 90 -10.86 -14.18 -14.21
N LEU B 91 -11.25 -14.97 -13.21
CA LEU B 91 -10.72 -14.82 -11.84
C LEU B 91 -9.58 -15.79 -11.54
N LEU B 92 -8.42 -15.25 -11.18
CA LEU B 92 -7.32 -16.03 -10.63
C LEU B 92 -7.20 -15.75 -9.13
N GLN B 93 -7.36 -16.80 -8.35
CA GLN B 93 -7.16 -16.69 -6.91
C GLN B 93 -6.12 -17.71 -6.49
N GLY B 94 -5.12 -17.26 -5.74
CA GLY B 94 -4.11 -18.19 -5.29
C GLY B 94 -3.09 -17.64 -4.34
N GLY B 95 -2.26 -18.54 -3.83
CA GLY B 95 -1.23 -18.20 -2.85
C GLY B 95 -1.09 -19.34 -1.85
N ASP B 96 -0.48 -19.03 -0.71
CA ASP B 96 -0.17 -20.05 0.29
C ASP B 96 -1.43 -20.77 0.71
N CYS B 97 -1.34 -22.09 0.80
CA CYS B 97 -2.34 -22.90 1.51
C CYS B 97 -2.60 -22.33 2.91
N ALA B 98 -1.53 -22.06 3.65
CA ALA B 98 -1.63 -21.36 4.94
C ALA B 98 -0.46 -20.40 5.06
N GLU B 99 -0.75 -19.14 5.35
CA GLU B 99 0.30 -18.21 5.71
C GLU B 99 0.71 -18.54 7.14
N THR B 100 1.98 -18.35 7.46
CA THR B 100 2.46 -18.48 8.84
C THR B 100 3.19 -17.21 9.24
N PHE B 101 3.17 -16.89 10.53
CA PHE B 101 3.89 -15.72 11.01
C PHE B 101 5.36 -15.84 10.69
N MET B 102 5.88 -17.05 10.85
CA MET B 102 7.28 -17.39 10.62
C MET B 102 7.76 -17.09 9.20
N ASP B 103 6.92 -17.34 8.20
CA ASP B 103 7.29 -17.09 6.81
C ASP B 103 6.73 -15.80 6.25
N ASN B 104 6.18 -14.94 7.10
CA ASN B 104 5.69 -13.64 6.69
C ASN B 104 6.83 -12.66 6.52
N THR B 105 7.64 -12.93 5.49
CA THR B 105 8.87 -12.21 5.25
C THR B 105 8.81 -11.63 3.86
N GLU B 106 9.69 -10.67 3.60
CA GLU B 106 9.66 -10.05 2.28
C GLU B 106 9.99 -11.02 1.13
N PRO B 107 10.99 -11.91 1.30
CA PRO B 107 11.24 -12.87 0.21
C PRO B 107 10.05 -13.78 -0.09
N HIS B 108 9.36 -14.22 0.95
CA HIS B 108 8.22 -15.09 0.78
C HIS B 108 7.04 -14.36 0.14
N ILE B 109 6.73 -13.17 0.65
CA ILE B 109 5.67 -12.34 0.08
C ILE B 109 5.97 -11.98 -1.38
N ARG B 110 7.19 -11.58 -1.66
CA ARG B 110 7.60 -11.23 -3.02
C ARG B 110 7.48 -12.42 -3.99
N GLY B 111 7.86 -13.61 -3.52
CA GLY B 111 7.73 -14.82 -4.30
C GLY B 111 6.30 -15.12 -4.67
N ASN B 112 5.38 -14.93 -3.72
CA ASN B 112 3.95 -15.13 -3.98
C ASN B 112 3.33 -14.11 -4.95
N VAL B 113 3.71 -12.85 -4.81
CA VAL B 113 3.26 -11.79 -5.71
C VAL B 113 3.77 -12.07 -7.12
N ARG B 114 5.05 -12.40 -7.25
CA ARG B 114 5.64 -12.74 -8.54
C ARG B 114 4.91 -13.92 -9.22
N ALA B 115 4.71 -15.03 -8.49
CA ALA B 115 4.05 -16.21 -9.04
C ALA B 115 2.63 -15.91 -9.52
N LEU B 116 1.89 -15.13 -8.73
CA LEU B 116 0.54 -14.75 -9.11
C LEU B 116 0.53 -13.84 -10.34
N LEU B 117 1.47 -12.91 -10.41
CA LEU B 117 1.59 -12.05 -11.59
C LEU B 117 1.98 -12.87 -12.83
N GLN B 118 2.91 -13.81 -12.66
CA GLN B 118 3.33 -14.70 -13.77
C GLN B 118 2.15 -15.51 -14.33
N MET B 119 1.36 -16.08 -13.42
CA MET B 119 0.21 -16.90 -13.78
C MET B 119 -0.83 -16.03 -14.46
N ALA B 120 -1.01 -14.82 -13.95
CA ALA B 120 -1.99 -13.88 -14.47
C ALA B 120 -1.69 -13.47 -15.90
N VAL B 121 -0.42 -13.26 -16.25
CA VAL B 121 -0.08 -12.82 -17.62
C VAL B 121 -0.32 -13.96 -18.62
N VAL B 122 0.06 -15.18 -18.25
CA VAL B 122 -0.23 -16.37 -19.06
C VAL B 122 -1.74 -16.54 -19.29
N LEU B 123 -2.50 -16.49 -18.20
CA LEU B 123 -3.95 -16.68 -18.25
C LEU B 123 -4.71 -15.59 -19.02
N THR B 124 -4.27 -14.35 -18.88
CA THR B 124 -4.81 -13.25 -19.69
C THR B 124 -4.64 -13.52 -21.17
N TYR B 125 -3.45 -13.97 -21.57
CA TYR B 125 -3.16 -14.20 -23.00
C TYR B 125 -4.05 -15.33 -23.54
N GLY B 126 -4.17 -16.41 -22.77
CA GLY B 126 -4.99 -17.55 -23.13
C GLY B 126 -6.48 -17.25 -23.13
N ALA B 127 -6.96 -16.47 -22.15
CA ALA B 127 -8.37 -16.07 -22.05
C ALA B 127 -8.77 -14.99 -23.04
N SER B 128 -7.81 -14.17 -23.47
CA SER B 128 -8.06 -13.01 -24.32
C SER B 128 -9.06 -12.07 -23.62
N MET B 129 -8.92 -11.96 -22.31
CA MET B 129 -9.73 -11.06 -21.51
C MET B 129 -9.03 -10.79 -20.18
N PRO B 130 -9.45 -9.73 -19.47
CA PRO B 130 -8.78 -9.39 -18.22
C PRO B 130 -8.85 -10.49 -17.17
N VAL B 131 -7.80 -10.58 -16.37
CA VAL B 131 -7.73 -11.47 -15.25
C VAL B 131 -7.72 -10.66 -13.95
N VAL B 132 -8.69 -10.93 -13.08
CA VAL B 132 -8.72 -10.41 -11.72
C VAL B 132 -7.84 -11.28 -10.82
N LYS B 133 -6.91 -10.63 -10.11
CA LYS B 133 -5.90 -11.31 -9.29
C LYS B 133 -6.21 -11.14 -7.81
N VAL B 134 -6.49 -12.27 -7.17
CA VAL B 134 -6.85 -12.29 -5.76
C VAL B 134 -5.90 -13.24 -5.06
N ALA B 135 -5.07 -12.70 -4.18
CA ALA B 135 -4.13 -13.53 -3.41
C ALA B 135 -4.78 -14.06 -2.13
N ARG B 136 -4.38 -15.27 -1.72
CA ARG B 136 -4.56 -15.79 -0.37
C ARG B 136 -3.42 -15.22 0.43
N ILE B 137 -3.65 -14.09 1.06
CA ILE B 137 -2.56 -13.35 1.68
C ILE B 137 -3.12 -12.36 2.66
N ALA B 138 -2.28 -11.89 3.58
CA ALA B 138 -2.68 -10.85 4.55
C ALA B 138 -3.90 -11.25 5.35
N GLY B 139 -3.91 -12.49 5.83
CA GLY B 139 -5.03 -12.96 6.63
C GLY B 139 -5.36 -14.44 6.64
N GLN B 140 -4.68 -15.23 5.82
CA GLN B 140 -4.99 -16.67 5.70
C GLN B 140 -4.30 -17.50 6.79
N TYR B 141 -4.75 -17.25 8.03
CA TYR B 141 -4.09 -17.69 9.25
C TYR B 141 -4.91 -18.65 10.12
N ALA B 142 -6.03 -19.12 9.59
CA ALA B 142 -6.93 -19.97 10.33
C ALA B 142 -7.41 -21.06 9.39
N LYS B 143 -7.48 -22.28 9.90
CA LYS B 143 -8.07 -23.39 9.15
C LYS B 143 -9.00 -24.25 10.00
N PRO B 144 -10.00 -24.84 9.35
CA PRO B 144 -10.85 -25.80 10.00
C PRO B 144 -10.15 -27.15 10.12
N ARG B 145 -10.54 -27.93 11.12
CA ARG B 145 -10.07 -29.30 11.28
C ARG B 145 -11.23 -30.23 11.52
N SER B 146 -11.20 -31.39 10.87
CA SER B 146 -12.24 -32.37 11.06
C SER B 146 -12.13 -33.03 12.43
N ALA B 147 -10.90 -33.20 12.94
CA ALA B 147 -10.69 -33.78 14.26
C ALA B 147 -9.99 -32.77 15.19
N ASP B 148 -10.41 -32.73 16.45
CA ASP B 148 -9.73 -31.84 17.42
C ASP B 148 -8.45 -32.44 18.01
N ILE B 149 -8.27 -33.75 17.91
CA ILE B 149 -7.03 -34.40 18.35
C ILE B 149 -6.35 -34.96 17.10
N ASP B 150 -5.09 -34.62 16.88
CA ASP B 150 -4.40 -35.04 15.63
C ASP B 150 -3.71 -36.40 15.80
N ALA B 151 -2.87 -36.78 14.83
CA ALA B 151 -2.22 -38.10 14.83
C ALA B 151 -1.16 -38.28 15.91
N LEU B 152 -0.68 -37.18 16.49
CA LEU B 152 0.28 -37.24 17.60
C LEU B 152 -0.40 -37.19 18.98
N GLY B 153 -1.73 -37.17 19.01
CA GLY B 153 -2.47 -37.10 20.29
C GLY B 153 -2.61 -35.67 20.83
N LEU B 154 -2.20 -34.68 20.02
CA LEU B 154 -2.22 -33.29 20.44
C LEU B 154 -3.47 -32.63 19.91
N ARG B 155 -3.90 -31.55 20.57
CA ARG B 155 -4.96 -30.72 19.99
C ARG B 155 -4.49 -30.19 18.66
N SER B 156 -5.39 -30.21 17.69
CA SER B 156 -5.02 -29.93 16.33
C SER B 156 -4.55 -28.48 16.14
N TYR B 157 -3.54 -28.33 15.29
CA TYR B 157 -3.10 -27.03 14.83
C TYR B 157 -4.19 -26.45 13.94
N ARG B 158 -4.66 -25.26 14.28
CA ARG B 158 -5.73 -24.61 13.53
C ARG B 158 -5.27 -23.35 12.79
N GLY B 159 -3.97 -23.22 12.58
CA GLY B 159 -3.41 -21.99 11.99
C GLY B 159 -2.95 -20.99 13.05
N ASP B 160 -2.07 -20.08 12.64
CA ASP B 160 -1.39 -19.18 13.57
C ASP B 160 -2.27 -18.11 14.22
N MET B 161 -3.47 -17.91 13.70
CA MET B 161 -4.45 -17.02 14.36
C MET B 161 -5.05 -17.66 15.61
N ILE B 162 -4.84 -18.96 15.78
CA ILE B 162 -5.50 -19.73 16.82
C ILE B 162 -4.50 -20.35 17.79
N ASN B 163 -3.56 -21.14 17.27
CA ASN B 163 -2.57 -21.80 18.09
C ASN B 163 -1.26 -22.01 17.31
N GLY B 164 -0.29 -22.67 17.94
CA GLY B 164 1.02 -22.87 17.35
C GLY B 164 1.20 -24.24 16.73
N PHE B 165 2.00 -24.28 15.68
CA PHE B 165 2.35 -25.49 14.95
C PHE B 165 3.26 -26.46 15.72
N ALA B 166 3.99 -25.97 16.73
CA ALA B 166 4.90 -26.82 17.49
C ALA B 166 4.17 -28.03 18.07
N PRO B 167 4.75 -29.24 17.93
CA PRO B 167 4.12 -30.44 18.47
C PRO B 167 4.28 -30.58 19.98
N ASP B 168 3.66 -29.67 20.72
CA ASP B 168 3.56 -29.77 22.16
C ASP B 168 2.27 -29.14 22.63
N ALA B 169 1.76 -29.63 23.74
CA ALA B 169 0.43 -29.30 24.23
C ALA B 169 0.28 -27.80 24.50
N ALA B 170 1.29 -27.22 25.13
CA ALA B 170 1.29 -25.81 25.49
C ALA B 170 1.11 -24.91 24.25
N ALA B 171 1.80 -25.25 23.16
CA ALA B 171 1.74 -24.48 21.92
C ALA B 171 0.39 -24.64 21.22
N ARG B 172 -0.32 -25.74 21.49
CA ARG B 172 -1.60 -26.00 20.83
C ARG B 172 -2.80 -25.36 21.52
N GLU B 173 -2.59 -24.78 22.70
CA GLU B 173 -3.69 -24.12 23.38
C GLU B 173 -4.11 -22.90 22.57
N HIS B 174 -5.41 -22.64 22.53
CA HIS B 174 -5.93 -21.55 21.75
C HIS B 174 -5.61 -20.23 22.47
N ASP B 175 -4.93 -19.34 21.75
CA ASP B 175 -4.33 -18.16 22.36
C ASP B 175 -4.91 -16.92 21.69
N PRO B 176 -5.80 -16.18 22.40
CA PRO B 176 -6.52 -15.05 21.77
C PRO B 176 -5.61 -13.88 21.39
N SER B 177 -4.44 -13.79 21.98
CA SER B 177 -3.47 -12.78 21.59
C SER B 177 -3.06 -12.93 20.11
N ARG B 178 -3.23 -14.13 19.55
CA ARG B 178 -2.95 -14.41 18.14
C ARG B 178 -3.89 -13.67 17.18
N LEU B 179 -5.03 -13.18 17.65
CA LEU B 179 -5.85 -12.26 16.84
C LEU B 179 -5.11 -10.98 16.51
N VAL B 180 -4.38 -10.43 17.49
CA VAL B 180 -3.68 -9.17 17.30
C VAL B 180 -2.41 -9.38 16.45
N ARG B 181 -1.71 -10.47 16.73
CA ARG B 181 -0.58 -10.91 15.93
C ARG B 181 -0.96 -11.15 14.47
N ALA B 182 -2.14 -11.75 14.26
CA ALA B 182 -2.62 -12.00 12.90
C ALA B 182 -2.81 -10.68 12.15
N TYR B 183 -3.45 -9.72 12.79
CA TYR B 183 -3.61 -8.37 12.22
C TYR B 183 -2.27 -7.68 11.92
N ALA B 184 -1.33 -7.73 12.86
CA ALA B 184 -0.02 -7.10 12.67
C ALA B 184 0.67 -7.72 11.45
N ASN B 185 0.60 -9.05 11.34
CA ASN B 185 1.21 -9.76 10.23
C ASN B 185 0.50 -9.45 8.90
N ALA B 186 -0.82 -9.38 8.95
CA ALA B 186 -1.67 -9.07 7.80
C ALA B 186 -1.42 -7.66 7.24
N SER B 187 -1.44 -6.66 8.11
CA SER B 187 -1.21 -5.30 7.68
C SER B 187 0.23 -5.08 7.19
N ALA B 188 1.20 -5.75 7.81
CA ALA B 188 2.59 -5.66 7.34
C ALA B 188 2.75 -6.28 5.94
N ALA B 189 2.13 -7.44 5.71
CA ALA B 189 2.17 -8.09 4.41
C ALA B 189 1.45 -7.26 3.34
N MET B 190 0.30 -6.68 3.70
CA MET B 190 -0.49 -5.90 2.75
C MET B 190 0.25 -4.65 2.32
N ASN B 191 0.91 -4.00 3.28
CA ASN B 191 1.74 -2.88 3.00
C ASN B 191 2.78 -3.20 1.93
N LEU B 192 3.46 -4.33 2.09
CA LEU B 192 4.45 -4.76 1.12
C LEU B 192 3.83 -5.13 -0.24
N VAL B 193 2.71 -5.85 -0.23
CA VAL B 193 2.01 -6.18 -1.46
C VAL B 193 1.68 -4.91 -2.28
N ARG B 194 1.22 -3.86 -1.60
CA ARG B 194 0.92 -2.58 -2.25
C ARG B 194 2.18 -1.92 -2.80
N ALA B 195 3.27 -1.95 -2.03
CA ALA B 195 4.54 -1.39 -2.49
C ALA B 195 5.01 -2.15 -3.73
N LEU B 196 4.92 -3.47 -3.70
CA LEU B 196 5.44 -4.30 -4.79
C LEU B 196 4.64 -4.15 -6.08
N THR B 197 3.33 -4.05 -5.95
CA THR B 197 2.46 -3.98 -7.11
C THR B 197 2.49 -2.61 -7.79
N SER B 198 2.96 -1.58 -7.09
CA SER B 198 3.17 -0.27 -7.73
C SER B 198 4.65 -0.03 -8.07
N SER B 199 5.52 -1.03 -7.93
CA SER B 199 6.90 -0.94 -8.41
C SER B 199 7.06 -1.46 -9.84
N GLY B 200 8.20 -1.11 -10.43
CA GLY B 200 8.53 -1.50 -11.80
C GLY B 200 8.60 -2.99 -12.02
N LEU B 201 8.83 -3.76 -10.95
CA LEU B 201 8.88 -5.21 -11.09
C LEU B 201 7.51 -5.85 -11.39
N ALA B 202 6.42 -5.15 -11.11
CA ALA B 202 5.10 -5.59 -11.54
C ALA B 202 4.84 -5.36 -13.06
N SER B 203 5.76 -4.71 -13.77
CA SER B 203 5.66 -4.54 -15.22
C SER B 203 5.49 -5.89 -15.95
N LEU B 204 4.57 -5.94 -16.91
CA LEU B 204 4.22 -7.19 -17.60
C LEU B 204 5.41 -7.87 -18.25
N HIS B 205 6.28 -7.08 -18.85
CA HIS B 205 7.41 -7.63 -19.56
C HIS B 205 8.46 -8.18 -18.59
N LEU B 206 8.64 -7.53 -17.44
CA LEU B 206 9.55 -8.02 -16.42
C LEU B 206 8.98 -9.30 -15.80
N VAL B 207 7.66 -9.31 -15.59
CA VAL B 207 6.98 -10.48 -15.07
C VAL B 207 7.12 -11.71 -15.99
N HIS B 208 6.98 -11.52 -17.30
CA HIS B 208 7.02 -12.66 -18.22
C HIS B 208 8.44 -13.15 -18.49
N ASP B 209 9.47 -12.32 -18.26
CA ASP B 209 10.88 -12.80 -18.26
C ASP B 209 11.11 -13.96 -17.26
N TRP B 210 10.41 -13.91 -16.13
CA TRP B 210 10.40 -15.02 -15.18
C TRP B 210 9.77 -16.27 -15.77
N ASN B 211 8.69 -16.11 -16.52
CA ASN B 211 8.07 -17.26 -17.21
C ASN B 211 9.02 -17.87 -18.23
N ARG B 212 9.80 -17.02 -18.88
CA ARG B 212 10.73 -17.50 -19.87
C ARG B 212 11.94 -18.20 -19.25
N GLU B 213 12.38 -17.72 -18.08
CA GLU B 213 13.40 -18.42 -17.30
C GLU B 213 12.88 -19.80 -16.83
N PHE B 214 11.63 -19.83 -16.40
CA PHE B 214 10.99 -21.09 -16.00
C PHE B 214 11.00 -22.12 -17.14
N VAL B 215 10.63 -21.67 -18.34
CA VAL B 215 10.65 -22.55 -19.52
C VAL B 215 12.05 -23.06 -19.84
N ARG B 216 13.05 -22.22 -19.61
CA ARG B 216 14.46 -22.60 -19.84
C ARG B 216 15.01 -23.63 -18.84
N THR B 217 14.55 -23.57 -17.60
CA THR B 217 15.14 -24.35 -16.50
C THR B 217 14.27 -25.51 -16.03
N SER B 218 12.96 -25.46 -16.30
CA SER B 218 12.07 -26.57 -15.96
C SER B 218 12.39 -27.79 -16.82
N PRO B 219 12.24 -29.00 -16.23
CA PRO B 219 12.36 -30.20 -17.06
C PRO B 219 11.16 -30.39 -17.99
N ALA B 220 10.01 -29.80 -17.64
CA ALA B 220 8.82 -29.84 -18.50
C ALA B 220 8.71 -28.64 -19.46
N GLY B 221 9.71 -27.76 -19.45
CA GLY B 221 9.71 -26.51 -20.22
C GLY B 221 9.34 -26.62 -21.69
N ALA B 222 9.81 -27.66 -22.36
CA ALA B 222 9.53 -27.87 -23.78
C ALA B 222 8.03 -27.93 -24.08
N ARG B 223 7.24 -28.31 -23.08
CA ARG B 223 5.80 -28.40 -23.23
C ARG B 223 5.16 -27.01 -23.31
N TYR B 224 5.84 -26.01 -22.76
CA TYR B 224 5.29 -24.67 -22.61
C TYR B 224 6.01 -23.58 -23.41
N GLU B 225 7.10 -23.92 -24.06
CA GLU B 225 7.94 -22.95 -24.73
C GLU B 225 7.21 -22.19 -25.86
N ALA B 226 6.46 -22.91 -26.68
CA ALA B 226 5.72 -22.28 -27.78
C ALA B 226 4.79 -21.20 -27.26
N LEU B 227 4.08 -21.50 -26.20
CA LEU B 227 3.12 -20.57 -25.62
C LEU B 227 3.82 -19.39 -24.93
N ALA B 228 4.90 -19.67 -24.21
CA ALA B 228 5.69 -18.59 -23.59
C ALA B 228 6.30 -17.66 -24.63
N THR B 229 6.72 -18.21 -25.76
CA THR B 229 7.27 -17.39 -26.86
C THR B 229 6.19 -16.54 -27.52
N GLU B 230 5.02 -17.11 -27.71
CA GLU B 230 3.88 -16.41 -28.28
C GLU B 230 3.48 -15.23 -27.40
N ILE B 231 3.44 -15.47 -26.09
CA ILE B 231 3.17 -14.41 -25.12
C ILE B 231 4.21 -13.31 -25.20
N ASP B 232 5.48 -13.68 -25.31
CA ASP B 232 6.56 -12.71 -25.37
C ASP B 232 6.44 -11.80 -26.61
N ARG B 233 6.10 -12.41 -27.74
CA ARG B 233 5.86 -11.71 -28.99
C ARG B 233 4.65 -10.77 -28.89
N GLY B 234 3.63 -11.19 -28.17
CA GLY B 234 2.48 -10.34 -27.84
C GLY B 234 2.84 -9.12 -27.00
N LEU B 235 3.75 -9.31 -26.04
CA LEU B 235 4.27 -8.22 -25.21
C LEU B 235 5.10 -7.25 -26.03
N ARG B 236 6.01 -7.78 -26.84
CA ARG B 236 6.85 -6.96 -27.68
C ARG B 236 6.03 -6.19 -28.73
N PHE B 237 4.95 -6.81 -29.20
CA PHE B 237 4.00 -6.17 -30.11
C PHE B 237 3.30 -4.97 -29.44
N MET B 238 2.81 -5.15 -28.22
CA MET B 238 2.24 -4.08 -27.39
C MET B 238 3.17 -2.89 -27.36
N SER B 239 4.42 -3.17 -27.00
CA SER B 239 5.46 -2.16 -26.93
C SER B 239 5.76 -1.52 -28.28
N ALA B 240 5.81 -2.31 -29.35
CA ALA B 240 6.06 -1.77 -30.69
C ALA B 240 4.93 -0.83 -31.18
N CYS B 241 3.72 -1.07 -30.66
CA CYS B 241 2.57 -0.19 -30.94
C CYS B 241 2.54 1.10 -30.10
N GLY B 242 3.54 1.29 -29.25
CA GLY B 242 3.65 2.51 -28.44
C GLY B 242 3.13 2.42 -27.02
N VAL B 243 2.77 1.22 -26.55
CA VAL B 243 2.29 1.05 -25.19
C VAL B 243 3.49 0.94 -24.25
N ALA B 244 3.58 1.87 -23.29
CA ALA B 244 4.60 1.85 -22.24
C ALA B 244 3.96 1.41 -20.93
N ASP B 245 4.78 1.03 -19.96
CA ASP B 245 4.29 0.59 -18.64
C ASP B 245 3.51 1.71 -17.92
N ARG B 246 4.04 2.93 -17.98
CA ARG B 246 3.33 4.10 -17.42
C ARG B 246 1.91 4.27 -17.97
N ASN B 247 1.69 3.87 -19.23
CA ASN B 247 0.37 3.97 -19.87
C ASN B 247 -0.63 2.91 -19.39
N LEU B 248 -0.14 1.86 -18.74
CA LEU B 248 -1.01 0.77 -18.30
C LEU B 248 -1.55 1.06 -16.91
N GLN B 249 -2.52 0.26 -16.48
CA GLN B 249 -3.06 0.31 -15.12
C GLN B 249 -2.07 -0.34 -14.17
N THR B 250 -1.82 0.32 -13.03
CA THR B 250 -0.95 -0.24 -11.98
C THR B 250 -1.50 -1.62 -11.59
N ALA B 251 -0.62 -2.59 -11.33
CA ALA B 251 -1.05 -3.97 -11.03
C ALA B 251 -1.86 -3.96 -9.73
N GLU B 252 -2.96 -4.71 -9.73
CA GLU B 252 -3.87 -4.74 -8.59
C GLU B 252 -3.95 -6.16 -8.11
N ILE B 253 -3.45 -6.41 -6.91
CA ILE B 253 -3.62 -7.69 -6.25
C ILE B 253 -4.51 -7.47 -5.02
N TYR B 254 -5.62 -8.19 -4.99
CA TYR B 254 -6.57 -8.12 -3.89
C TYR B 254 -6.21 -9.17 -2.83
N ALA B 255 -6.63 -8.91 -1.60
CA ALA B 255 -6.36 -9.78 -0.46
C ALA B 255 -7.62 -10.60 -0.15
N SER B 256 -7.44 -11.88 0.12
CA SER B 256 -8.52 -12.76 0.53
C SER B 256 -8.03 -13.80 1.52
N HIS B 257 -8.98 -14.30 2.29
CA HIS B 257 -8.75 -15.46 3.11
C HIS B 257 -10.10 -16.10 3.45
N GLU B 258 -10.09 -17.31 3.99
CA GLU B 258 -11.31 -17.91 4.49
C GLU B 258 -11.72 -17.14 5.72
N ALA B 259 -12.96 -16.64 5.71
CA ALA B 259 -13.55 -16.03 6.88
C ALA B 259 -13.96 -17.16 7.83
N LEU B 260 -13.06 -17.49 8.74
CA LEU B 260 -13.27 -18.60 9.69
C LEU B 260 -13.48 -18.15 11.12
N VAL B 261 -12.58 -17.33 11.63
CA VAL B 261 -12.59 -16.93 13.02
C VAL B 261 -13.43 -15.68 13.13
N LEU B 262 -14.64 -15.82 13.67
CA LEU B 262 -15.59 -14.72 13.69
C LEU B 262 -15.16 -13.62 14.66
N ASP B 263 -14.41 -13.95 15.71
CA ASP B 263 -13.84 -12.89 16.56
C ASP B 263 -12.98 -11.89 15.77
N TYR B 264 -12.20 -12.41 14.84
CA TYR B 264 -11.34 -11.59 14.00
C TYR B 264 -12.15 -10.79 12.99
N GLU B 265 -13.02 -11.47 12.25
CA GLU B 265 -13.81 -10.77 11.20
C GLU B 265 -14.72 -9.67 11.77
N ARG B 266 -15.37 -9.92 12.91
CA ARG B 266 -16.26 -8.90 13.48
C ARG B 266 -15.48 -7.69 14.04
N ALA B 267 -14.27 -7.92 14.54
CA ALA B 267 -13.44 -6.84 15.05
C ALA B 267 -12.94 -5.96 13.91
N MET B 268 -12.84 -6.52 12.70
CA MET B 268 -12.36 -5.78 11.54
C MET B 268 -13.48 -5.15 10.67
N LEU B 269 -14.72 -5.21 11.14
CA LEU B 269 -15.84 -4.55 10.49
C LEU B 269 -15.74 -3.06 10.69
N ARG B 270 -16.04 -2.32 9.62
CA ARG B 270 -16.11 -0.88 9.65
C ARG B 270 -17.32 -0.44 8.84
N LEU B 271 -17.91 0.68 9.22
CA LEU B 271 -19.04 1.25 8.54
C LEU B 271 -18.59 2.24 7.46
N SER B 272 -19.17 2.14 6.27
CA SER B 272 -18.91 3.10 5.19
C SER B 272 -20.06 3.12 4.20
N ASP B 273 -20.19 4.20 3.45
CA ASP B 273 -21.19 4.26 2.39
C ASP B 273 -20.86 3.23 1.31
N GLY B 274 -21.82 2.37 1.02
CA GLY B 274 -21.63 1.33 0.01
C GLY B 274 -22.06 1.82 -1.36
N ASP B 275 -22.01 0.91 -2.35
CA ASP B 275 -22.28 1.20 -3.76
C ASP B 275 -23.63 1.90 -4.07
N ASP B 276 -24.64 1.71 -3.22
CA ASP B 276 -25.93 2.38 -3.39
C ASP B 276 -26.06 3.64 -2.51
N GLY B 277 -24.96 4.06 -1.88
CA GLY B 277 -24.94 5.29 -1.09
C GLY B 277 -25.29 5.17 0.38
N GLU B 278 -26.11 4.19 0.77
CA GLU B 278 -26.46 3.99 2.18
C GLU B 278 -25.27 3.40 2.95
N PRO B 279 -25.14 3.74 4.24
CA PRO B 279 -24.12 3.11 5.10
C PRO B 279 -24.20 1.58 5.16
N GLN B 280 -23.06 0.93 4.94
CA GLN B 280 -22.97 -0.53 4.93
C GLN B 280 -21.77 -0.99 5.76
N LEU B 281 -21.85 -2.21 6.29
CA LEU B 281 -20.71 -2.84 6.94
C LEU B 281 -19.78 -3.50 5.92
N PHE B 282 -18.50 -3.17 6.03
CA PHE B 282 -17.45 -3.79 5.25
C PHE B 282 -16.50 -4.50 6.20
N ASP B 283 -16.15 -5.73 5.88
CA ASP B 283 -15.07 -6.45 6.56
C ASP B 283 -13.75 -5.96 5.96
N LEU B 284 -13.03 -5.09 6.69
CA LEU B 284 -11.79 -4.51 6.18
C LEU B 284 -10.53 -5.30 6.57
N SER B 285 -10.69 -6.59 6.82
CA SER B 285 -9.57 -7.53 6.96
C SER B 285 -9.07 -8.08 5.62
N ALA B 286 -9.79 -7.78 4.55
CA ALA B 286 -9.55 -8.37 3.23
C ALA B 286 -10.45 -7.64 2.23
N HIS B 287 -10.27 -7.93 0.95
CA HIS B 287 -11.17 -7.40 -0.08
C HIS B 287 -12.34 -8.37 -0.26
N THR B 288 -12.03 -9.67 -0.30
CA THR B 288 -13.02 -10.71 -0.45
C THR B 288 -12.69 -11.84 0.52
N VAL B 289 -13.72 -12.55 0.97
CA VAL B 289 -13.56 -13.72 1.81
C VAL B 289 -14.49 -14.84 1.34
N TRP B 290 -14.15 -16.06 1.69
CA TRP B 290 -14.98 -17.19 1.40
C TRP B 290 -15.32 -17.99 2.64
N ILE B 291 -16.37 -18.78 2.53
CA ILE B 291 -16.85 -19.69 3.58
C ILE B 291 -16.64 -21.12 3.10
N GLY B 292 -15.94 -21.92 3.92
CA GLY B 292 -15.54 -23.27 3.54
C GLY B 292 -16.63 -24.29 3.74
N GLU B 293 -16.36 -25.49 3.23
CA GLU B 293 -17.26 -26.63 3.36
C GLU B 293 -17.75 -26.90 4.79
N ARG B 294 -16.88 -26.75 5.79
CA ARG B 294 -17.25 -27.14 7.17
C ARG B 294 -17.95 -26.06 7.98
N THR B 295 -18.08 -24.86 7.40
CA THR B 295 -18.66 -23.70 8.10
C THR B 295 -19.81 -23.03 7.32
N ARG B 296 -20.27 -23.70 6.25
CA ARG B 296 -21.28 -23.13 5.37
C ARG B 296 -22.70 -23.56 5.71
N GLN B 297 -22.94 -23.95 6.96
CA GLN B 297 -24.28 -24.30 7.43
C GLN B 297 -25.23 -23.17 7.09
N ILE B 298 -26.34 -23.50 6.45
CA ILE B 298 -27.20 -22.48 5.81
C ILE B 298 -27.79 -21.51 6.84
N ASP B 299 -28.08 -22.02 8.03
CA ASP B 299 -28.58 -21.19 9.12
C ASP B 299 -27.53 -20.90 10.21
N GLY B 300 -26.26 -21.01 9.85
CA GLY B 300 -25.18 -20.76 10.79
C GLY B 300 -24.67 -19.32 10.72
N ALA B 301 -23.79 -19.01 11.66
CA ALA B 301 -23.22 -17.66 11.81
C ALA B 301 -22.41 -17.17 10.62
N HIS B 302 -21.64 -18.04 9.97
CA HIS B 302 -20.77 -17.63 8.86
C HIS B 302 -21.54 -17.16 7.64
N ILE B 303 -22.56 -17.90 7.24
CA ILE B 303 -23.43 -17.48 6.14
C ILE B 303 -24.20 -16.21 6.52
N ALA B 304 -24.77 -16.17 7.73
CA ALA B 304 -25.46 -14.99 8.20
C ALA B 304 -24.53 -13.77 8.27
N PHE B 305 -23.31 -13.98 8.70
CA PHE B 305 -22.30 -12.93 8.72
C PHE B 305 -22.01 -12.42 7.30
N ALA B 306 -21.81 -13.34 6.36
CA ALA B 306 -21.64 -12.97 4.96
C ALA B 306 -22.82 -12.15 4.43
N GLN B 307 -24.03 -12.37 4.94
CA GLN B 307 -25.19 -11.63 4.47
C GLN B 307 -25.21 -10.19 4.94
N VAL B 308 -24.51 -9.88 6.02
CA VAL B 308 -24.45 -8.52 6.56
C VAL B 308 -23.30 -7.67 6.01
N ILE B 309 -22.28 -8.29 5.42
CA ILE B 309 -21.14 -7.52 4.91
C ILE B 309 -21.29 -7.18 3.41
N ALA B 310 -20.74 -6.04 3.02
CA ALA B 310 -20.77 -5.57 1.65
C ALA B 310 -19.74 -6.23 0.71
N ASN B 311 -18.73 -6.91 1.24
CA ASN B 311 -17.64 -7.52 0.44
C ASN B 311 -18.17 -8.57 -0.55
N PRO B 312 -17.54 -8.72 -1.73
CA PRO B 312 -17.77 -9.93 -2.52
C PRO B 312 -17.42 -11.17 -1.69
N VAL B 313 -18.19 -12.24 -1.82
CA VAL B 313 -17.94 -13.47 -1.07
C VAL B 313 -17.95 -14.70 -1.97
N GLY B 314 -17.32 -15.78 -1.49
CA GLY B 314 -17.42 -17.09 -2.10
C GLY B 314 -17.87 -18.17 -1.12
N VAL B 315 -18.46 -19.23 -1.65
CA VAL B 315 -18.85 -20.41 -0.87
C VAL B 315 -18.28 -21.62 -1.57
N LYS B 316 -17.59 -22.47 -0.82
CA LYS B 316 -17.08 -23.75 -1.31
C LYS B 316 -18.20 -24.80 -1.43
N LEU B 317 -18.30 -25.43 -2.58
CA LEU B 317 -19.31 -26.47 -2.84
C LEU B 317 -18.63 -27.79 -3.15
N GLY B 318 -18.85 -28.76 -2.27
CA GLY B 318 -18.30 -30.09 -2.43
C GLY B 318 -19.27 -31.06 -3.04
N PRO B 319 -18.88 -32.35 -3.09
CA PRO B 319 -19.62 -33.41 -3.79
C PRO B 319 -21.00 -33.74 -3.23
N ASN B 320 -21.31 -33.31 -2.00
CA ASN B 320 -22.66 -33.50 -1.47
C ASN B 320 -23.60 -32.31 -1.69
N MET B 321 -23.14 -31.32 -2.47
CA MET B 321 -23.98 -30.18 -2.81
C MET B 321 -25.14 -30.61 -3.70
N THR B 322 -26.34 -30.13 -3.40
CA THR B 322 -27.47 -30.34 -4.29
C THR B 322 -27.73 -29.06 -5.08
N PRO B 323 -28.33 -29.19 -6.28
CA PRO B 323 -28.78 -28.00 -7.01
C PRO B 323 -29.69 -27.06 -6.20
N GLU B 324 -30.55 -27.62 -5.33
CA GLU B 324 -31.49 -26.84 -4.52
C GLU B 324 -30.80 -26.05 -3.41
N LEU B 325 -29.86 -26.68 -2.71
CA LEU B 325 -29.08 -25.94 -1.74
C LEU B 325 -28.20 -24.87 -2.40
N ALA B 326 -27.60 -25.16 -3.55
CA ALA B 326 -26.82 -24.13 -4.25
C ALA B 326 -27.68 -22.87 -4.54
N VAL B 327 -28.90 -23.08 -5.04
CA VAL B 327 -29.84 -21.98 -5.28
C VAL B 327 -30.15 -21.19 -3.99
N GLU B 328 -30.33 -21.91 -2.87
CA GLU B 328 -30.55 -21.25 -1.58
C GLU B 328 -29.39 -20.35 -1.13
N TYR B 329 -28.15 -20.78 -1.37
CA TYR B 329 -27.00 -19.95 -1.11
C TYR B 329 -27.02 -18.69 -1.95
N VAL B 330 -27.28 -18.87 -3.25
CA VAL B 330 -27.38 -17.76 -4.17
C VAL B 330 -28.47 -16.75 -3.75
N GLU B 331 -29.63 -17.25 -3.35
CA GLU B 331 -30.72 -16.35 -2.97
C GLU B 331 -30.50 -15.64 -1.63
N ARG B 332 -29.78 -16.29 -0.71
CA ARG B 332 -29.44 -15.65 0.56
C ARG B 332 -28.27 -14.68 0.46
N LEU B 333 -27.31 -14.98 -0.39
CA LEU B 333 -26.05 -14.22 -0.47
C LEU B 333 -25.98 -13.23 -1.62
N ASP B 334 -26.85 -13.38 -2.61
CA ASP B 334 -26.93 -12.40 -3.66
C ASP B 334 -28.39 -11.96 -3.81
N PRO B 335 -29.01 -11.47 -2.71
CA PRO B 335 -30.45 -11.17 -2.77
C PRO B 335 -30.84 -10.03 -3.70
N HIS B 336 -29.91 -9.13 -3.99
CA HIS B 336 -30.19 -7.98 -4.87
C HIS B 336 -29.76 -8.23 -6.31
N ASN B 337 -29.35 -9.46 -6.62
CA ASN B 337 -28.92 -9.83 -7.97
C ASN B 337 -27.84 -8.87 -8.47
N LYS B 338 -26.72 -8.85 -7.75
CA LYS B 338 -25.55 -8.05 -8.11
C LYS B 338 -24.48 -8.98 -8.68
N PRO B 339 -24.31 -8.98 -10.01
CA PRO B 339 -23.29 -9.82 -10.62
C PRO B 339 -21.93 -9.65 -9.95
N GLY B 340 -21.30 -10.77 -9.62
CA GLY B 340 -19.96 -10.72 -9.05
C GLY B 340 -19.90 -10.69 -7.54
N ARG B 341 -21.01 -10.34 -6.89
CA ARG B 341 -21.09 -10.37 -5.41
C ARG B 341 -20.83 -11.78 -4.88
N LEU B 342 -21.32 -12.80 -5.57
CA LEU B 342 -21.15 -14.19 -5.13
C LEU B 342 -20.36 -15.07 -6.13
N THR B 343 -19.39 -15.79 -5.58
CA THR B 343 -18.65 -16.84 -6.28
C THR B 343 -19.01 -18.20 -5.68
N LEU B 344 -19.35 -19.15 -6.56
CA LEU B 344 -19.54 -20.54 -6.18
C LEU B 344 -18.30 -21.32 -6.59
N VAL B 345 -17.63 -21.86 -5.58
CA VAL B 345 -16.34 -22.50 -5.74
C VAL B 345 -16.51 -24.01 -5.70
N SER B 346 -16.45 -24.59 -6.89
CA SER B 346 -16.61 -26.02 -7.10
C SER B 346 -15.34 -26.76 -6.73
N ARG B 347 -15.47 -27.74 -5.83
CA ARG B 347 -14.38 -28.66 -5.51
C ARG B 347 -14.96 -30.07 -5.36
N MET B 348 -15.14 -30.74 -6.48
CA MET B 348 -15.89 -32.00 -6.52
C MET B 348 -15.01 -33.24 -6.52
N GLY B 349 -13.74 -33.07 -6.89
CA GLY B 349 -12.86 -34.19 -7.24
C GLY B 349 -12.96 -34.49 -8.72
N ASN B 350 -11.85 -34.91 -9.33
CA ASN B 350 -11.78 -35.02 -10.80
C ASN B 350 -12.71 -36.09 -11.37
N HIS B 351 -12.94 -37.11 -10.56
CA HIS B 351 -13.77 -38.24 -10.94
C HIS B 351 -15.28 -37.94 -10.85
N LYS B 352 -15.64 -36.84 -10.18
CA LYS B 352 -17.04 -36.48 -9.89
C LYS B 352 -17.54 -35.18 -10.52
N VAL B 353 -16.64 -34.28 -10.93
CA VAL B 353 -17.05 -32.94 -11.36
C VAL B 353 -17.94 -32.95 -12.62
N ARG B 354 -17.63 -33.82 -13.58
CA ARG B 354 -18.42 -33.91 -14.81
C ARG B 354 -19.86 -34.39 -14.56
N ASP B 355 -20.05 -35.20 -13.52
CA ASP B 355 -21.39 -35.71 -13.21
C ASP B 355 -22.15 -34.79 -12.26
N LEU B 356 -21.47 -34.20 -11.29
CA LEU B 356 -22.14 -33.46 -10.21
C LEU B 356 -22.33 -31.97 -10.47
N LEU B 357 -21.41 -31.35 -11.20
CA LEU B 357 -21.51 -29.92 -11.45
C LEU B 357 -22.64 -29.47 -12.41
N PRO B 358 -22.89 -30.20 -13.51
CA PRO B 358 -23.91 -29.71 -14.44
C PRO B 358 -25.32 -29.42 -13.87
N PRO B 359 -25.91 -30.34 -13.07
CA PRO B 359 -27.21 -30.03 -12.47
C PRO B 359 -27.21 -28.78 -11.57
N ILE B 360 -26.09 -28.54 -10.88
CA ILE B 360 -25.95 -27.36 -10.00
C ILE B 360 -25.92 -26.09 -10.83
N VAL B 361 -25.07 -26.08 -11.86
CA VAL B 361 -24.98 -24.95 -12.77
C VAL B 361 -26.33 -24.64 -13.45
N GLU B 362 -26.99 -25.64 -14.01
CA GLU B 362 -28.26 -25.42 -14.68
C GLU B 362 -29.32 -24.78 -13.76
N LYS B 363 -29.48 -25.31 -12.56
CA LYS B 363 -30.46 -24.79 -11.59
C LYS B 363 -30.13 -23.35 -11.18
N VAL B 364 -28.88 -23.09 -10.87
CA VAL B 364 -28.45 -21.73 -10.50
C VAL B 364 -28.62 -20.74 -11.68
N GLN B 365 -28.22 -21.14 -12.87
CA GLN B 365 -28.39 -20.29 -14.04
C GLN B 365 -29.87 -19.94 -14.32
N ALA B 366 -30.79 -20.85 -14.01
CA ALA B 366 -32.22 -20.61 -14.26
C ALA B 366 -32.81 -19.57 -13.29
N THR B 367 -32.09 -19.25 -12.22
CA THR B 367 -32.55 -18.23 -11.27
C THR B 367 -32.44 -16.80 -11.83
N GLY B 368 -31.69 -16.61 -12.91
CA GLY B 368 -31.40 -15.26 -13.39
C GLY B 368 -30.27 -14.53 -12.64
N HIS B 369 -29.80 -15.09 -11.52
CA HIS B 369 -28.62 -14.55 -10.86
C HIS B 369 -27.35 -14.90 -11.64
N GLN B 370 -26.35 -14.04 -11.53
CA GLN B 370 -25.11 -14.25 -12.24
C GLN B 370 -23.96 -14.40 -11.26
N VAL B 371 -23.63 -15.65 -10.97
CA VAL B 371 -22.52 -15.96 -10.09
C VAL B 371 -21.25 -16.14 -10.89
N ILE B 372 -20.13 -16.09 -10.20
CA ILE B 372 -18.86 -16.53 -10.77
C ILE B 372 -18.75 -17.99 -10.43
N TRP B 373 -18.54 -18.81 -11.45
CA TRP B 373 -18.21 -20.23 -11.29
C TRP B 373 -16.71 -20.38 -11.26
N GLN B 374 -16.17 -20.80 -10.12
CA GLN B 374 -14.73 -20.91 -9.95
C GLN B 374 -14.38 -22.33 -9.59
N CYS B 375 -13.29 -22.82 -10.17
CA CYS B 375 -12.82 -24.20 -9.93
C CYS B 375 -11.72 -24.24 -8.90
N ASP B 376 -11.95 -25.02 -7.84
CA ASP B 376 -10.95 -25.36 -6.85
C ASP B 376 -10.61 -26.83 -7.07
N PRO B 377 -9.54 -27.12 -7.83
CA PRO B 377 -9.19 -28.49 -8.17
C PRO B 377 -8.31 -29.20 -7.13
N MET B 378 -8.11 -28.57 -5.98
CA MET B 378 -7.26 -29.11 -4.91
C MET B 378 -8.06 -29.97 -3.93
N HIS B 379 -9.14 -29.42 -3.39
CA HIS B 379 -9.76 -29.95 -2.16
C HIS B 379 -10.65 -31.15 -2.31
N GLY B 380 -10.99 -31.51 -3.55
CA GLY B 380 -11.74 -32.74 -3.80
C GLY B 380 -10.85 -33.89 -4.24
N ASN B 381 -9.54 -33.61 -4.34
CA ASN B 381 -8.55 -34.53 -4.92
C ASN B 381 -7.41 -34.84 -3.95
N THR B 391 -3.28 -42.88 -10.76
CA THR B 391 -3.46 -41.48 -11.17
C THR B 391 -2.70 -40.51 -10.26
N ARG B 392 -1.60 -39.94 -10.78
CA ARG B 392 -0.77 -39.01 -10.01
C ARG B 392 -1.56 -37.76 -9.62
N HIS B 393 -1.08 -37.03 -8.61
CA HIS B 393 -1.84 -35.93 -8.01
C HIS B 393 -2.00 -34.74 -8.97
N PHE B 394 -0.94 -34.43 -9.71
CA PHE B 394 -0.97 -33.34 -10.68
C PHE B 394 -1.98 -33.65 -11.78
N ASP B 395 -2.00 -34.89 -12.24
CA ASP B 395 -2.95 -35.27 -13.29
C ASP B 395 -4.39 -35.17 -12.81
N ARG B 396 -4.64 -35.42 -11.53
CA ARG B 396 -5.99 -35.29 -10.97
C ARG B 396 -6.42 -33.83 -10.89
N ILE B 397 -5.49 -32.97 -10.46
CA ILE B 397 -5.74 -31.52 -10.37
C ILE B 397 -6.08 -30.94 -11.75
N VAL B 398 -5.29 -31.30 -12.76
CA VAL B 398 -5.51 -30.87 -14.13
C VAL B 398 -6.78 -31.46 -14.71
N ASP B 399 -7.05 -32.72 -14.39
CA ASP B 399 -8.29 -33.36 -14.85
C ASP B 399 -9.55 -32.70 -14.31
N GLU B 400 -9.53 -32.23 -13.06
CA GLU B 400 -10.70 -31.53 -12.52
C GLU B 400 -10.94 -30.21 -13.25
N VAL B 401 -9.88 -29.41 -13.46
CA VAL B 401 -10.05 -28.15 -14.18
C VAL B 401 -10.54 -28.44 -15.62
N GLN B 402 -9.93 -29.42 -16.28
CA GLN B 402 -10.38 -29.89 -17.59
C GLN B 402 -11.88 -30.24 -17.60
N GLY B 403 -12.32 -31.03 -16.63
CA GLY B 403 -13.72 -31.43 -16.51
C GLY B 403 -14.67 -30.27 -16.24
N PHE B 404 -14.23 -29.35 -15.39
CA PHE B 404 -14.88 -28.04 -15.15
C PHE B 404 -15.10 -27.22 -16.45
N PHE B 405 -14.06 -27.08 -17.28
CA PHE B 405 -14.22 -26.42 -18.57
C PHE B 405 -15.21 -27.18 -19.48
N GLU B 406 -15.15 -28.50 -19.48
CA GLU B 406 -16.08 -29.29 -20.29
C GLU B 406 -17.54 -29.08 -19.85
N VAL B 407 -17.76 -29.04 -18.55
CA VAL B 407 -19.11 -28.82 -18.01
C VAL B 407 -19.68 -27.51 -18.55
N HIS B 408 -18.91 -26.44 -18.41
CA HIS B 408 -19.32 -25.11 -18.86
C HIS B 408 -19.44 -24.97 -20.37
N ARG B 409 -18.53 -25.58 -21.13
CA ARG B 409 -18.63 -25.58 -22.60
C ARG B 409 -19.93 -26.23 -23.03
N ALA B 410 -20.29 -27.34 -22.38
CA ALA B 410 -21.50 -28.07 -22.74
C ALA B 410 -22.76 -27.27 -22.39
N LEU B 411 -22.74 -26.51 -21.30
CA LEU B 411 -23.92 -25.75 -20.88
C LEU B 411 -24.01 -24.36 -21.53
N GLY B 412 -22.91 -23.91 -22.13
CA GLY B 412 -22.81 -22.55 -22.67
C GLY B 412 -22.56 -21.52 -21.59
N THR B 413 -22.11 -21.94 -20.42
CA THR B 413 -21.89 -21.04 -19.29
C THR B 413 -20.40 -20.67 -19.19
N HIS B 414 -20.08 -19.72 -18.33
CA HIS B 414 -18.73 -19.20 -18.23
C HIS B 414 -17.88 -19.95 -17.20
N PRO B 415 -16.78 -20.58 -17.65
CA PRO B 415 -15.83 -21.05 -16.66
C PRO B 415 -15.06 -19.86 -16.11
N GLY B 416 -15.42 -19.44 -14.91
CA GLY B 416 -15.10 -18.08 -14.46
C GLY B 416 -13.77 -17.84 -13.81
N GLY B 417 -13.17 -18.90 -13.28
CA GLY B 417 -11.94 -18.74 -12.56
C GLY B 417 -11.42 -20.01 -11.92
N ILE B 418 -10.24 -19.88 -11.31
CA ILE B 418 -9.59 -20.97 -10.61
C ILE B 418 -9.14 -20.46 -9.25
N HIS B 419 -9.09 -21.38 -8.30
CA HIS B 419 -8.63 -21.12 -6.96
C HIS B 419 -7.58 -22.18 -6.66
N VAL B 420 -6.33 -21.77 -6.56
CA VAL B 420 -5.25 -22.71 -6.33
C VAL B 420 -4.41 -22.38 -5.08
N GLU B 421 -3.78 -23.40 -4.54
CA GLU B 421 -2.97 -23.30 -3.35
C GLU B 421 -1.57 -23.75 -3.62
N ILE B 422 -0.62 -22.97 -3.12
CA ILE B 422 0.79 -23.26 -3.25
C ILE B 422 1.31 -23.72 -1.88
N THR B 423 2.05 -24.83 -1.87
CA THR B 423 2.70 -25.33 -0.64
C THR B 423 4.22 -25.35 -0.77
N ARG B 453 -1.17 -30.98 -2.58
CA ARG B 453 -0.07 -30.00 -2.67
C ARG B 453 0.36 -29.69 -4.12
N LEU B 454 0.57 -28.39 -4.39
CA LEU B 454 1.07 -27.88 -5.66
C LEU B 454 2.21 -26.92 -5.32
N ASN B 455 3.41 -27.13 -5.86
CA ASN B 455 4.47 -26.17 -5.62
C ASN B 455 4.39 -25.02 -6.65
N THR B 456 5.30 -24.04 -6.53
CA THR B 456 5.25 -22.85 -7.38
C THR B 456 5.45 -23.16 -8.86
N GLN B 457 6.42 -24.02 -9.15
CA GLN B 457 6.69 -24.45 -10.51
C GLN B 457 5.47 -25.16 -11.13
N GLN B 458 4.83 -26.02 -10.33
CA GLN B 458 3.62 -26.73 -10.76
C GLN B 458 2.44 -25.80 -10.93
N SER B 459 2.37 -24.76 -10.11
CA SER B 459 1.27 -23.81 -10.21
C SER B 459 1.43 -22.98 -11.50
N LEU B 460 2.67 -22.69 -11.88
CA LEU B 460 2.95 -22.07 -13.16
C LEU B 460 2.56 -22.96 -14.35
N GLU B 461 2.95 -24.24 -14.31
CA GLU B 461 2.57 -25.22 -15.34
C GLU B 461 1.07 -25.33 -15.49
N LEU B 462 0.36 -25.34 -14.37
CA LEU B 462 -1.08 -25.36 -14.38
C LEU B 462 -1.68 -24.11 -15.05
N ALA B 463 -1.04 -22.95 -14.87
CA ALA B 463 -1.49 -21.71 -15.53
C ALA B 463 -1.37 -21.83 -17.05
N PHE B 464 -0.25 -22.39 -17.51
CA PHE B 464 -0.08 -22.66 -18.93
C PHE B 464 -1.14 -23.60 -19.48
N LEU B 465 -1.45 -24.66 -18.73
CA LEU B 465 -2.42 -25.66 -19.16
C LEU B 465 -3.83 -25.08 -19.19
N VAL B 466 -4.17 -24.24 -18.20
CA VAL B 466 -5.47 -23.59 -18.14
C VAL B 466 -5.59 -22.50 -19.23
N ALA B 467 -4.49 -21.83 -19.53
CA ALA B 467 -4.45 -20.87 -20.65
C ALA B 467 -4.80 -21.59 -21.95
N GLU B 468 -4.29 -22.80 -22.13
CA GLU B 468 -4.70 -23.60 -23.30
C GLU B 468 -6.18 -23.93 -23.27
N MET B 469 -6.70 -24.29 -22.11
CA MET B 469 -8.12 -24.64 -22.00
C MET B 469 -9.00 -23.44 -22.35
N LEU B 470 -8.55 -22.26 -21.97
CA LEU B 470 -9.29 -21.02 -22.21
C LEU B 470 -9.36 -20.65 -23.71
N ARG B 471 -8.43 -21.15 -24.51
CA ARG B 471 -8.51 -21.02 -25.96
C ARG B 471 -9.64 -21.89 -26.51
N ASP B 472 -9.40 -23.04 -26.93
N GLU C 19 -20.90 62.87 -15.09
CA GLU C 19 -19.46 62.50 -15.08
C GLU C 19 -18.70 63.43 -14.15
N GLU C 20 -18.90 63.24 -12.84
CA GLU C 20 -18.25 64.12 -11.86
C GLU C 20 -16.72 63.97 -11.75
N ILE C 21 -16.11 62.90 -12.29
CA ILE C 21 -16.24 61.46 -11.92
C ILE C 21 -14.77 61.04 -12.11
N ASP C 22 -14.12 61.69 -13.07
CA ASP C 22 -12.66 61.86 -13.13
C ASP C 22 -12.11 62.63 -11.93
N ARG C 23 -12.89 63.54 -11.34
CA ARG C 23 -12.51 64.22 -10.11
C ARG C 23 -12.55 63.22 -8.94
N LEU C 24 -13.61 62.41 -8.93
CA LEU C 24 -13.77 61.34 -7.94
C LEU C 24 -12.62 60.31 -8.06
N ASP C 25 -12.21 59.99 -9.29
CA ASP C 25 -11.06 59.10 -9.55
C ASP C 25 -9.72 59.75 -9.16
N ALA C 26 -9.60 61.05 -9.40
CA ALA C 26 -8.38 61.81 -9.03
C ALA C 26 -8.18 61.83 -7.51
N GLU C 27 -9.29 61.81 -6.78
CA GLU C 27 -9.27 61.84 -5.32
C GLU C 27 -8.92 60.47 -4.74
N ILE C 28 -9.67 59.44 -5.12
CA ILE C 28 -9.38 58.07 -4.64
C ILE C 28 -7.96 57.61 -5.00
N LEU C 29 -7.45 58.04 -6.15
CA LEU C 29 -6.04 57.81 -6.49
C LEU C 29 -5.09 58.43 -5.46
N ALA C 30 -5.36 59.69 -5.10
CA ALA C 30 -4.53 60.41 -4.12
C ALA C 30 -4.57 59.74 -2.76
N LEU C 31 -5.76 59.34 -2.32
CA LEU C 31 -5.95 58.66 -1.04
C LEU C 31 -5.30 57.27 -1.02
N VAL C 32 -5.39 56.55 -2.14
CA VAL C 32 -4.75 55.25 -2.29
C VAL C 32 -3.21 55.38 -2.22
N LYS C 33 -2.67 56.37 -2.93
CA LYS C 33 -1.22 56.64 -2.86
C LYS C 33 -0.76 56.96 -1.43
N ARG C 34 -1.59 57.71 -0.70
CA ARG C 34 -1.28 58.12 0.69
C ARG C 34 -1.35 56.96 1.67
N ARG C 35 -2.33 56.08 1.47
CA ARG C 35 -2.48 54.88 2.30
C ARG C 35 -1.26 53.94 2.15
N ALA C 36 -0.70 53.89 0.94
CA ALA C 36 0.52 53.12 0.69
C ALA C 36 1.71 53.71 1.47
N GLU C 37 1.81 55.04 1.48
CA GLU C 37 2.86 55.74 2.24
C GLU C 37 2.76 55.47 3.74
N VAL C 38 1.54 55.62 4.27
CA VAL C 38 1.26 55.41 5.69
C VAL C 38 1.46 53.95 6.10
N SER C 39 1.01 53.02 5.26
CA SER C 39 1.14 51.59 5.53
C SER C 39 2.59 51.13 5.59
N LYS C 40 3.42 51.64 4.68
CA LYS C 40 4.87 51.38 4.72
C LYS C 40 5.50 51.96 5.98
N ALA C 41 5.07 53.16 6.37
CA ALA C 41 5.57 53.82 7.58
C ALA C 41 5.24 53.04 8.85
N ILE C 42 4.07 52.40 8.88
CA ILE C 42 3.68 51.50 9.98
C ILE C 42 4.57 50.25 10.01
N GLY C 43 4.84 49.69 8.83
CA GLY C 43 5.71 48.52 8.69
C GLY C 43 7.15 48.75 9.14
N LYS C 44 7.71 49.91 8.79
CA LYS C 44 9.05 50.29 9.26
C LYS C 44 9.06 50.50 10.78
N ALA C 45 7.98 51.06 11.30
CA ALA C 45 7.83 51.34 12.73
C ALA C 45 7.80 50.05 13.56
N ARG C 46 6.98 49.08 13.11
CA ARG C 46 6.83 47.82 13.83
C ARG C 46 8.12 47.01 13.77
N MET C 47 8.76 47.00 12.60
CA MET C 47 10.03 46.30 12.42
C MET C 47 11.20 46.97 13.16
N ALA C 48 11.24 48.30 13.15
CA ALA C 48 12.24 49.04 13.92
C ALA C 48 12.12 48.78 15.43
N SER C 49 10.89 48.54 15.88
CA SER C 49 10.62 48.21 17.28
C SER C 49 10.65 46.70 17.58
N GLY C 50 11.05 45.89 16.60
CA GLY C 50 11.20 44.44 16.78
C GLY C 50 9.89 43.68 16.60
N GLY C 51 9.28 43.84 15.42
CA GLY C 51 8.03 43.15 15.10
C GLY C 51 8.03 42.66 13.66
N THR C 52 6.94 41.99 13.28
CA THR C 52 6.83 41.41 11.93
C THR C 52 6.16 42.41 10.98
N ARG C 53 6.68 42.47 9.75
CA ARG C 53 6.12 43.29 8.68
C ARG C 53 4.61 43.05 8.51
N LEU C 54 4.24 41.78 8.30
CA LEU C 54 2.84 41.37 8.14
C LEU C 54 2.27 41.00 9.50
N VAL C 55 0.99 41.30 9.70
CA VAL C 55 0.24 40.87 10.88
C VAL C 55 -1.18 40.48 10.43
N HIS C 56 -1.47 39.19 10.57
CA HIS C 56 -2.66 38.57 9.98
C HIS C 56 -3.98 39.20 10.40
N SER C 57 -4.13 39.47 11.70
CA SER C 57 -5.38 40.03 12.24
C SER C 57 -5.69 41.44 11.71
N ARG C 58 -4.66 42.18 11.35
CA ARG C 58 -4.82 43.53 10.77
C ARG C 58 -5.27 43.48 9.32
N GLU C 59 -4.86 42.43 8.60
CA GLU C 59 -5.28 42.25 7.22
C GLU C 59 -6.74 41.81 7.17
N MET C 60 -7.16 41.01 8.14
CA MET C 60 -8.58 40.64 8.27
C MET C 60 -9.45 41.86 8.56
N LYS C 61 -8.91 42.80 9.34
CA LYS C 61 -9.65 44.03 9.68
C LYS C 61 -9.84 44.93 8.47
N VAL C 62 -8.78 45.12 7.68
CA VAL C 62 -8.88 45.89 6.43
C VAL C 62 -9.90 45.26 5.48
N ILE C 63 -9.94 43.93 5.44
CA ILE C 63 -10.88 43.20 4.56
C ILE C 63 -12.33 43.34 5.05
N GLU C 64 -12.55 43.19 6.35
CA GLU C 64 -13.89 43.32 6.94
C GLU C 64 -14.46 44.75 6.75
N ARG C 65 -13.55 45.73 6.76
CA ARG C 65 -13.87 47.15 6.52
C ARG C 65 -14.55 47.41 5.17
N TYR C 66 -14.14 46.66 4.14
CA TYR C 66 -14.61 46.90 2.76
C TYR C 66 -15.73 45.97 2.29
N SER C 67 -16.22 45.11 3.18
CA SER C 67 -17.24 44.13 2.82
C SER C 67 -18.59 44.78 2.46
N GLU C 68 -18.75 46.06 2.79
CA GLU C 68 -19.94 46.83 2.46
C GLU C 68 -20.08 47.05 0.94
N LEU C 69 -18.96 47.05 0.23
CA LEU C 69 -18.95 47.14 -1.24
C LEU C 69 -19.50 45.88 -1.92
N GLY C 70 -19.69 44.80 -1.15
CA GLY C 70 -20.12 43.52 -1.68
C GLY C 70 -18.94 42.57 -1.77
N PRO C 71 -19.10 41.45 -2.50
CA PRO C 71 -18.03 40.47 -2.76
C PRO C 71 -16.73 41.00 -3.37
N ASP C 72 -16.77 42.18 -4.00
CA ASP C 72 -15.55 42.82 -4.53
C ASP C 72 -14.78 43.62 -3.48
N GLY C 73 -15.40 43.82 -2.31
CA GLY C 73 -14.75 44.52 -1.20
C GLY C 73 -13.42 43.91 -0.81
N LYS C 74 -13.42 42.60 -0.57
CA LYS C 74 -12.20 41.88 -0.14
C LYS C 74 -11.08 41.96 -1.18
N ASP C 75 -11.44 41.96 -2.47
CA ASP C 75 -10.47 42.10 -3.55
C ASP C 75 -9.80 43.47 -3.55
N LEU C 76 -10.58 44.50 -3.26
CA LEU C 76 -10.06 45.86 -3.09
C LEU C 76 -9.16 45.94 -1.86
N ALA C 77 -9.64 45.39 -0.75
CA ALA C 77 -8.88 45.32 0.50
C ALA C 77 -7.51 44.69 0.31
N ILE C 78 -7.49 43.52 -0.32
CA ILE C 78 -6.25 42.76 -0.56
C ILE C 78 -5.29 43.52 -1.49
N LEU C 79 -5.87 44.22 -2.47
CA LEU C 79 -5.10 45.08 -3.36
C LEU C 79 -4.49 46.28 -2.61
N LEU C 80 -5.24 46.85 -1.67
CA LEU C 80 -4.71 47.93 -0.82
C LEU C 80 -3.62 47.42 0.13
N LEU C 81 -3.77 46.19 0.62
CA LEU C 81 -2.71 45.55 1.41
C LEU C 81 -1.45 45.32 0.56
N ARG C 82 -1.62 44.91 -0.70
CA ARG C 82 -0.48 44.70 -1.61
C ARG C 82 0.35 45.97 -1.85
N LEU C 83 -0.34 47.10 -2.00
CA LEU C 83 0.34 48.39 -2.21
C LEU C 83 1.05 48.83 -0.92
N GLY C 84 0.45 48.51 0.23
CA GLY C 84 1.01 48.85 1.53
C GLY C 84 2.22 48.03 1.94
N ARG C 85 2.06 46.71 1.99
CA ARG C 85 3.12 45.81 2.47
C ARG C 85 3.80 44.95 1.39
N GLY C 86 3.63 45.33 0.13
CA GLY C 86 4.27 44.64 -1.00
C GLY C 86 3.73 43.23 -1.24
N ARG C 87 4.28 42.55 -2.23
CA ARG C 87 3.90 41.17 -2.50
C ARG C 87 4.57 40.26 -1.49
N LEU C 88 3.85 39.22 -1.04
CA LEU C 88 4.45 38.18 -0.20
C LEU C 88 5.62 37.52 -0.97
N GLY C 89 6.67 37.16 -0.23
CA GLY C 89 7.82 36.44 -0.79
C GLY C 89 8.90 37.31 -1.41
N HIS C 90 8.62 38.62 -1.51
CA HIS C 90 9.55 39.57 -2.11
C HIS C 90 9.89 40.67 -1.10
N THR D 16 12.21 -37.11 -59.67
CA THR D 16 11.99 -38.43 -59.00
C THR D 16 12.12 -38.32 -57.48
N LEU D 17 12.92 -37.37 -57.00
CA LEU D 17 12.94 -37.01 -55.57
C LEU D 17 11.62 -36.38 -55.15
N ARG D 18 11.06 -35.56 -56.04
CA ARG D 18 9.71 -35.01 -55.85
C ARG D 18 8.68 -36.15 -55.79
N GLU D 19 8.89 -37.19 -56.59
CA GLU D 19 8.04 -38.37 -56.60
C GLU D 19 8.11 -39.16 -55.29
N GLU D 20 9.27 -39.13 -54.62
CA GLU D 20 9.43 -39.83 -53.34
C GLU D 20 8.76 -39.07 -52.21
N ILE D 21 8.97 -37.76 -52.16
CA ILE D 21 8.32 -36.90 -51.17
C ILE D 21 6.79 -37.06 -51.20
N ASP D 22 6.23 -37.28 -52.39
CA ASP D 22 4.79 -37.58 -52.51
C ASP D 22 4.40 -38.87 -51.79
N ARG D 23 5.21 -39.91 -51.97
CA ARG D 23 5.01 -41.21 -51.30
C ARG D 23 5.28 -41.09 -49.80
N LEU D 24 6.37 -40.39 -49.49
CA LEU D 24 6.83 -40.20 -48.12
C LEU D 24 5.81 -39.39 -47.31
N ASP D 25 5.08 -38.49 -47.97
CA ASP D 25 4.00 -37.74 -47.33
C ASP D 25 2.74 -38.57 -47.16
N ALA D 26 2.44 -39.44 -48.12
CA ALA D 26 1.30 -40.35 -48.01
C ALA D 26 1.45 -41.30 -46.82
N GLU D 27 2.68 -41.77 -46.59
CA GLU D 27 2.99 -42.68 -45.49
C GLU D 27 2.94 -41.98 -44.11
N ILE D 28 3.45 -40.76 -44.05
CA ILE D 28 3.37 -39.94 -42.83
C ILE D 28 1.92 -39.69 -42.45
N LEU D 29 1.14 -39.23 -43.44
CA LEU D 29 -0.29 -38.97 -43.27
C LEU D 29 -1.05 -40.20 -42.77
N ALA D 30 -0.71 -41.37 -43.30
CA ALA D 30 -1.34 -42.63 -42.89
C ALA D 30 -1.00 -43.01 -41.44
N LEU D 31 0.28 -42.93 -41.09
CA LEU D 31 0.74 -43.23 -39.73
C LEU D 31 0.20 -42.24 -38.68
N VAL D 32 0.13 -40.97 -39.04
CA VAL D 32 -0.43 -39.93 -38.16
C VAL D 32 -1.92 -40.15 -37.94
N LYS D 33 -2.62 -40.59 -38.98
CA LYS D 33 -4.03 -40.96 -38.84
C LYS D 33 -4.21 -42.15 -37.89
N ARG D 34 -3.30 -43.12 -38.00
CA ARG D 34 -3.32 -44.33 -37.19
C ARG D 34 -2.97 -44.04 -35.73
N ARG D 35 -1.99 -43.17 -35.54
CA ARG D 35 -1.59 -42.74 -34.20
C ARG D 35 -2.72 -42.00 -33.48
N ALA D 36 -3.49 -41.20 -34.22
CA ALA D 36 -4.66 -40.52 -33.68
C ALA D 36 -5.75 -41.49 -33.20
N GLU D 37 -5.92 -42.60 -33.91
CA GLU D 37 -6.85 -43.66 -33.51
C GLU D 37 -6.37 -44.44 -32.28
N VAL D 38 -5.10 -44.85 -32.31
CA VAL D 38 -4.51 -45.65 -31.23
C VAL D 38 -4.40 -44.84 -29.93
N SER D 39 -4.12 -43.54 -30.07
CA SER D 39 -4.08 -42.62 -28.94
C SER D 39 -5.47 -42.45 -28.32
N LYS D 40 -6.48 -42.26 -29.16
CA LYS D 40 -7.86 -42.17 -28.68
C LYS D 40 -8.27 -43.44 -27.96
N ALA D 41 -7.87 -44.59 -28.51
CA ALA D 41 -8.20 -45.90 -27.94
C ALA D 41 -7.59 -46.11 -26.54
N ILE D 42 -6.34 -45.67 -26.35
CA ILE D 42 -5.70 -45.72 -25.03
C ILE D 42 -6.42 -44.79 -24.05
N GLY D 43 -6.89 -43.65 -24.55
CA GLY D 43 -7.70 -42.71 -23.76
C GLY D 43 -8.97 -43.30 -23.20
N LYS D 44 -9.78 -43.92 -24.07
CA LYS D 44 -11.03 -44.59 -23.67
C LYS D 44 -10.77 -45.70 -22.65
N ALA D 45 -9.72 -46.49 -22.92
CA ALA D 45 -9.34 -47.59 -22.05
C ALA D 45 -8.94 -47.13 -20.65
N ARG D 46 -8.16 -46.04 -20.57
CA ARG D 46 -7.73 -45.52 -19.27
C ARG D 46 -8.90 -44.91 -18.50
N MET D 47 -9.79 -44.21 -19.21
CA MET D 47 -10.98 -43.63 -18.61
C MET D 47 -12.02 -44.69 -18.19
N ALA D 48 -12.20 -45.72 -19.02
CA ALA D 48 -13.08 -46.85 -18.67
C ALA D 48 -12.60 -47.54 -17.38
N SER D 49 -11.29 -47.59 -17.20
CA SER D 49 -10.67 -48.15 -15.99
C SER D 49 -10.59 -47.14 -14.81
N GLY D 50 -11.22 -45.97 -14.96
CA GLY D 50 -11.24 -44.94 -13.92
C GLY D 50 -10.05 -43.98 -13.89
N GLY D 51 -9.31 -43.90 -15.00
CA GLY D 51 -8.15 -43.01 -15.11
C GLY D 51 -8.50 -41.71 -15.79
N THR D 52 -7.50 -40.83 -15.95
CA THR D 52 -7.71 -39.51 -16.55
C THR D 52 -7.37 -39.54 -18.03
N ARG D 53 -8.11 -38.77 -18.83
CA ARG D 53 -7.80 -38.65 -20.25
C ARG D 53 -6.32 -38.29 -20.43
N LEU D 54 -5.93 -37.12 -19.94
CA LEU D 54 -4.56 -36.62 -20.09
C LEU D 54 -3.65 -37.18 -18.98
N VAL D 55 -2.41 -37.52 -19.34
CA VAL D 55 -1.39 -37.91 -18.37
C VAL D 55 -0.10 -37.13 -18.70
N HIS D 56 0.29 -36.23 -17.80
CA HIS D 56 1.37 -35.27 -18.06
C HIS D 56 2.71 -35.92 -18.37
N SER D 57 3.08 -36.95 -17.62
CA SER D 57 4.36 -37.66 -17.81
C SER D 57 4.47 -38.29 -19.20
N ARG D 58 3.35 -38.78 -19.73
CA ARG D 58 3.31 -39.38 -21.07
C ARG D 58 3.49 -38.36 -22.18
N GLU D 59 2.93 -37.17 -22.00
CA GLU D 59 3.09 -36.08 -22.97
C GLU D 59 4.56 -35.65 -23.08
N MET D 60 5.25 -35.61 -21.95
CA MET D 60 6.69 -35.30 -21.94
C MET D 60 7.52 -36.39 -22.63
N LYS D 61 7.05 -37.63 -22.57
CA LYS D 61 7.72 -38.75 -23.22
C LYS D 61 7.61 -38.66 -24.73
N VAL D 62 6.44 -38.27 -25.22
CA VAL D 62 6.24 -38.02 -26.65
C VAL D 62 7.10 -36.84 -27.13
N ILE D 63 7.19 -35.78 -26.32
CA ILE D 63 7.98 -34.60 -26.68
C ILE D 63 9.47 -34.93 -26.75
N GLU D 64 9.97 -35.60 -25.72
CA GLU D 64 11.37 -36.06 -25.67
C GLU D 64 11.71 -36.99 -26.84
N ARG D 65 10.73 -37.77 -27.28
CA ARG D 65 10.87 -38.74 -28.37
C ARG D 65 11.13 -38.10 -29.74
N TYR D 66 10.68 -36.86 -29.92
CA TYR D 66 10.84 -36.14 -31.20
C TYR D 66 11.92 -35.07 -31.15
N SER D 67 12.60 -34.95 -30.01
CA SER D 67 13.66 -33.96 -29.82
C SER D 67 14.77 -34.06 -30.88
N GLU D 68 14.96 -35.26 -31.43
CA GLU D 68 15.96 -35.50 -32.50
C GLU D 68 15.72 -34.66 -33.76
N LEU D 69 14.49 -34.19 -33.96
CA LEU D 69 14.15 -33.30 -35.08
C LEU D 69 14.64 -31.87 -34.83
N GLY D 70 15.13 -31.60 -33.62
CA GLY D 70 15.59 -30.27 -33.24
C GLY D 70 14.46 -29.50 -32.56
N PRO D 71 14.60 -28.17 -32.46
CA PRO D 71 13.59 -27.28 -31.87
C PRO D 71 12.15 -27.53 -32.34
N ASP D 72 11.99 -27.89 -33.61
CA ASP D 72 10.66 -28.16 -34.18
C ASP D 72 10.06 -29.50 -33.72
N GLY D 73 10.89 -30.37 -33.16
CA GLY D 73 10.46 -31.67 -32.68
C GLY D 73 9.33 -31.64 -31.67
N LYS D 74 9.48 -30.77 -30.66
CA LYS D 74 8.46 -30.58 -29.61
C LYS D 74 7.11 -30.04 -30.13
N ASP D 75 7.17 -29.20 -31.18
CA ASP D 75 5.97 -28.70 -31.84
C ASP D 75 5.24 -29.81 -32.58
N LEU D 76 5.99 -30.69 -33.24
CA LEU D 76 5.40 -31.89 -33.88
C LEU D 76 4.73 -32.79 -32.83
N ALA D 77 5.43 -33.04 -31.73
CA ALA D 77 4.93 -33.85 -30.62
C ALA D 77 3.61 -33.32 -30.08
N ILE D 78 3.55 -32.01 -29.84
CA ILE D 78 2.36 -31.39 -29.25
C ILE D 78 1.18 -31.47 -30.21
N LEU D 79 1.47 -31.34 -31.49
CA LEU D 79 0.51 -31.55 -32.56
C LEU D 79 -0.02 -32.99 -32.59
N LEU D 80 0.87 -33.95 -32.35
CA LEU D 80 0.46 -35.36 -32.31
C LEU D 80 -0.41 -35.64 -31.08
N LEU D 81 -0.08 -35.00 -29.94
CA LEU D 81 -0.90 -35.09 -28.73
C LEU D 81 -2.28 -34.45 -28.91
N ARG D 82 -2.36 -33.37 -29.68
CA ARG D 82 -3.63 -32.70 -29.99
C ARG D 82 -4.54 -33.54 -30.89
N LEU D 83 -3.93 -34.25 -31.83
CA LEU D 83 -4.66 -35.19 -32.67
C LEU D 83 -5.07 -36.41 -31.85
N GLY D 84 -4.23 -36.78 -30.88
CA GLY D 84 -4.49 -37.91 -29.98
C GLY D 84 -5.61 -37.70 -28.97
N ARG D 85 -5.49 -36.68 -28.11
CA ARG D 85 -6.56 -36.42 -27.14
C ARG D 85 -7.59 -35.42 -27.69
N GLY D 86 -7.14 -34.22 -27.99
CA GLY D 86 -8.01 -33.15 -28.45
C GLY D 86 -7.49 -31.83 -27.91
N ARG D 87 -8.26 -30.76 -28.06
CA ARG D 87 -7.91 -29.49 -27.42
C ARG D 87 -8.22 -29.57 -25.93
N LEU D 88 -7.33 -29.03 -25.11
CA LEU D 88 -7.62 -28.84 -23.68
C LEU D 88 -8.84 -27.92 -23.51
N GLY D 89 -9.65 -28.20 -22.49
CA GLY D 89 -10.85 -27.39 -22.20
C GLY D 89 -12.06 -27.71 -23.04
N HIS D 90 -11.91 -28.68 -23.96
CA HIS D 90 -12.97 -29.10 -24.86
C HIS D 90 -13.12 -30.62 -24.73
#